data_5CO1
#
_entry.id   5CO1
#
_cell.length_a   149.355
_cell.length_b   86.631
_cell.length_c   132.583
_cell.angle_alpha   90.00
_cell.angle_beta   122.13
_cell.angle_gamma   90.00
#
_symmetry.space_group_name_H-M   'C 1 2 1'
#
loop_
_entity.id
_entity.type
_entity.pdbx_description
1 polymer 'Protocadherin-19 isoform 1'
2 non-polymer 'CALCIUM ION'
3 water water
#
_entity_poly.entity_id   1
_entity_poly.type   'polypeptide(L)'
_entity_poly.pdbx_seq_one_letter_code
;MPVFDEPVYTVNVLENSPINTLVIDLNATDPDEGTNGEVVYSFINFVSNLTKQMFKIDPKTGVITVNGVLDHEELHIHEI
DVQAKDLGPNSIPAHCKVIVNVIDINDNAPEIKLLSENSEMVEVSENAPLGYVIALVRVSDNDSGANGKVQCRLQGNVPF
RLNEFESFSTLLVDGRLDREQRDMYNLTILAEDSGYPPLRSSKSFAVKVTDLEHHHHHH
;
_entity_poly.pdbx_strand_id   A,B,C,D
#
# COMPACT_ATOMS: atom_id res chain seq x y z
N PRO A 2 -30.69 23.27 51.23
CA PRO A 2 -29.42 23.50 50.58
C PRO A 2 -29.55 24.12 49.19
N VAL A 3 -28.46 24.72 48.74
CA VAL A 3 -28.38 25.36 47.43
C VAL A 3 -26.93 25.22 47.02
N PHE A 4 -26.66 24.58 45.88
CA PHE A 4 -25.32 24.46 45.33
C PHE A 4 -24.79 25.84 44.91
N ASP A 5 -23.49 26.08 45.11
CA ASP A 5 -22.92 27.40 44.86
C ASP A 5 -23.22 27.79 43.44
N GLU A 6 -23.06 26.85 42.52
CA GLU A 6 -23.42 27.08 41.13
C GLU A 6 -24.45 26.02 40.77
N PRO A 7 -25.32 26.34 39.81
CA PRO A 7 -26.26 25.37 39.17
C PRO A 7 -25.59 24.30 38.27
N VAL A 8 -24.55 24.69 37.54
CA VAL A 8 -23.80 23.80 36.65
C VAL A 8 -22.27 24.01 36.83
N TYR A 9 -21.51 22.92 36.88
CA TYR A 9 -20.07 22.98 37.09
C TYR A 9 -19.45 22.22 35.94
N THR A 10 -18.31 22.70 35.41
CA THR A 10 -17.58 21.98 34.36
C THR A 10 -16.10 21.83 34.70
N VAL A 11 -15.60 20.63 34.61
CA VAL A 11 -14.29 20.30 35.14
C VAL A 11 -13.60 19.52 34.07
N ASN A 12 -12.30 19.77 33.95
CA ASN A 12 -11.46 19.02 33.07
C ASN A 12 -10.75 17.94 33.84
N VAL A 13 -10.66 16.76 33.23
CA VAL A 13 -9.92 15.70 33.82
C VAL A 13 -9.19 14.91 32.79
N LEU A 14 -7.92 14.60 33.07
CA LEU A 14 -7.08 13.86 32.14
C LEU A 14 -7.65 12.48 31.96
N GLU A 15 -7.60 11.94 30.74
CA GLU A 15 -7.88 10.52 30.61
C GLU A 15 -6.77 9.76 31.29
N ASN A 16 -7.18 8.62 31.85
CA ASN A 16 -6.29 7.66 32.51
C ASN A 16 -5.86 8.17 33.87
N SER A 17 -6.56 9.18 34.36
CA SER A 17 -6.30 9.68 35.68
C SER A 17 -6.37 8.53 36.69
N PRO A 18 -5.48 8.57 37.69
CA PRO A 18 -5.49 7.53 38.69
C PRO A 18 -6.77 7.56 39.48
N ILE A 19 -7.20 6.39 39.89
CA ILE A 19 -8.26 6.22 40.89
C ILE A 19 -8.02 7.09 42.11
N ASN A 20 -9.12 7.66 42.60
CA ASN A 20 -9.12 8.69 43.65
C ASN A 20 -8.66 10.11 43.29
N THR A 21 -8.42 10.38 42.02
CA THR A 21 -8.14 11.73 41.56
C THR A 21 -9.33 12.66 41.91
N LEU A 22 -9.03 13.83 42.44
CA LEU A 22 -10.10 14.79 42.73
C LEU A 22 -10.72 15.31 41.43
N VAL A 23 -12.03 15.42 41.42
CA VAL A 23 -12.73 15.96 40.26
C VAL A 23 -13.36 17.28 40.67
N ILE A 24 -14.20 17.24 41.72
CA ILE A 24 -14.65 18.48 42.34
C ILE A 24 -15.20 18.28 43.74
N ASP A 25 -15.04 19.29 44.57
CA ASP A 25 -15.58 19.31 45.93
C ASP A 25 -16.82 20.24 45.94
N LEU A 26 -18.00 19.64 46.01
CA LEU A 26 -19.24 20.41 45.90
C LEU A 26 -19.67 20.94 47.26
N ASN A 27 -20.50 21.98 47.23
CA ASN A 27 -20.98 22.62 48.44
C ASN A 27 -22.41 23.17 48.28
N ALA A 28 -23.32 22.71 49.14
CA ALA A 28 -24.67 23.22 49.13
C ALA A 28 -25.16 23.71 50.49
N THR A 29 -24.25 23.92 51.43
CA THR A 29 -24.57 24.42 52.77
C THR A 29 -23.47 25.38 53.25
N ASP A 30 -23.42 25.65 54.56
CA ASP A 30 -22.15 25.94 55.27
C ASP A 30 -22.32 25.84 56.79
N PRO A 31 -21.19 25.83 57.53
CA PRO A 31 -21.19 26.35 58.92
C PRO A 31 -20.79 27.83 59.02
N GLY A 37 -22.51 18.92 59.87
CA GLY A 37 -23.58 18.95 58.88
C GLY A 37 -24.33 17.64 58.77
N GLU A 38 -25.60 17.73 58.36
CA GLU A 38 -26.52 16.59 58.33
C GLU A 38 -27.00 16.27 56.91
N VAL A 39 -26.52 17.04 55.92
CA VAL A 39 -26.98 16.97 54.52
C VAL A 39 -26.25 15.86 53.79
N VAL A 40 -26.92 15.28 52.81
CA VAL A 40 -26.46 14.06 52.14
C VAL A 40 -26.36 14.26 50.62
N TYR A 41 -25.14 14.19 50.12
CA TYR A 41 -24.86 14.40 48.71
C TYR A 41 -24.92 13.08 48.01
N SER A 42 -25.52 13.04 46.84
CA SER A 42 -25.66 11.80 46.09
C SER A 42 -25.88 12.08 44.62
N PHE A 43 -25.56 11.10 43.78
CA PHE A 43 -25.98 11.16 42.38
C PHE A 43 -27.41 10.67 42.29
N ILE A 44 -28.22 11.32 41.47
CA ILE A 44 -29.55 10.80 41.20
C ILE A 44 -29.74 10.40 39.75
N ASN A 45 -28.82 10.83 38.91
CA ASN A 45 -28.85 10.44 37.51
C ASN A 45 -27.51 10.58 36.82
N PHE A 46 -27.39 9.84 35.73
CA PHE A 46 -26.12 9.44 35.15
C PHE A 46 -26.46 9.26 33.66
N VAL A 47 -26.35 10.34 32.90
CA VAL A 47 -26.82 10.36 31.50
C VAL A 47 -26.45 9.05 30.78
N SER A 48 -25.16 8.71 30.84
CA SER A 48 -24.64 7.40 30.42
C SER A 48 -24.55 6.45 31.63
N ASN A 49 -24.84 5.16 31.44
CA ASN A 49 -24.76 4.20 32.55
C ASN A 49 -23.32 3.83 32.90
N LEU A 50 -22.45 4.01 31.91
CA LEU A 50 -21.00 4.01 32.10
C LEU A 50 -20.54 5.05 33.11
N THR A 51 -21.21 6.19 33.15
CA THR A 51 -20.82 7.26 34.05
C THR A 51 -20.89 6.75 35.50
N LYS A 52 -21.69 5.72 35.72
CA LYS A 52 -21.93 5.19 37.07
C LYS A 52 -20.71 4.45 37.67
N GLN A 53 -19.89 3.83 36.84
CA GLN A 53 -18.67 3.14 37.30
C GLN A 53 -17.44 4.09 37.40
N MET A 54 -17.52 5.22 36.71
CA MET A 54 -16.38 6.10 36.57
C MET A 54 -16.21 7.07 37.74
N PHE A 55 -17.26 7.32 38.51
CA PHE A 55 -17.16 8.34 39.54
C PHE A 55 -17.86 7.88 40.79
N LYS A 56 -17.26 8.16 41.94
CA LYS A 56 -17.93 8.03 43.22
C LYS A 56 -18.02 9.41 43.88
N ILE A 57 -18.98 9.55 44.78
CA ILE A 57 -19.09 10.77 45.58
C ILE A 57 -19.23 10.47 47.08
N ASP A 58 -18.54 11.24 47.91
CA ASP A 58 -18.66 11.13 49.35
C ASP A 58 -19.96 11.74 49.85
N PRO A 59 -20.83 10.92 50.47
CA PRO A 59 -22.17 11.42 50.77
C PRO A 59 -22.14 12.56 51.77
N LYS A 60 -21.07 12.68 52.55
CA LYS A 60 -20.97 13.69 53.60
C LYS A 60 -20.35 15.02 53.13
N THR A 61 -19.24 14.96 52.39
CA THR A 61 -18.48 16.16 51.95
C THR A 61 -18.92 16.69 50.56
N GLY A 62 -19.57 15.84 49.77
CA GLY A 62 -19.84 16.12 48.36
C GLY A 62 -18.62 16.19 47.45
N VAL A 63 -17.57 15.47 47.81
CA VAL A 63 -16.39 15.37 46.96
C VAL A 63 -16.57 14.24 45.96
N ILE A 64 -16.50 14.56 44.67
CA ILE A 64 -16.52 13.55 43.61
C ILE A 64 -15.08 13.20 43.22
N THR A 65 -14.82 11.92 43.04
CA THR A 65 -13.48 11.42 42.69
C THR A 65 -13.65 10.49 41.52
N VAL A 66 -12.55 10.30 40.79
CA VAL A 66 -12.50 9.28 39.77
C VAL A 66 -12.59 7.88 40.42
N ASN A 67 -13.41 7.01 39.83
CA ASN A 67 -13.63 5.66 40.39
C ASN A 67 -13.36 4.49 39.45
N GLY A 68 -13.25 4.77 38.16
CA GLY A 68 -12.85 3.74 37.22
C GLY A 68 -11.99 4.34 36.12
N VAL A 69 -11.69 3.55 35.10
CA VAL A 69 -10.73 3.97 34.12
C VAL A 69 -11.36 4.89 33.09
N LEU A 70 -10.90 6.14 33.05
CA LEU A 70 -11.43 7.17 32.16
C LEU A 70 -10.74 7.12 30.82
N ASP A 71 -11.49 6.82 29.77
CA ASP A 71 -10.92 6.66 28.43
C ASP A 71 -11.63 7.59 27.49
N HIS A 72 -10.89 8.60 27.01
CA HIS A 72 -11.41 9.55 26.03
C HIS A 72 -11.97 8.85 24.78
N GLU A 73 -11.32 7.77 24.37
CA GLU A 73 -11.70 7.11 23.11
C GLU A 73 -13.03 6.33 23.30
N GLU A 74 -13.34 5.99 24.55
CA GLU A 74 -14.62 5.41 24.94
C GLU A 74 -15.73 6.46 25.14
N LEU A 75 -15.42 7.59 25.78
CA LEU A 75 -16.40 8.67 25.97
C LEU A 75 -15.74 9.99 26.45
N HIS A 76 -16.03 11.08 25.70
CA HIS A 76 -15.41 12.41 25.83
C HIS A 76 -15.90 13.12 27.08
N ILE A 77 -17.21 13.09 27.30
CA ILE A 77 -17.87 14.06 28.15
C ILE A 77 -18.91 13.37 29.00
N HIS A 78 -18.91 13.64 30.30
CA HIS A 78 -19.85 13.00 31.23
C HIS A 78 -20.75 14.06 31.85
N GLU A 79 -22.05 13.79 31.88
CA GLU A 79 -23.01 14.65 32.59
C GLU A 79 -23.48 13.87 33.80
N ILE A 80 -23.35 14.49 34.96
CA ILE A 80 -23.80 13.89 36.21
C ILE A 80 -24.78 14.85 36.85
N ASP A 81 -25.83 14.31 37.44
CA ASP A 81 -26.77 15.12 38.18
C ASP A 81 -26.62 14.83 39.64
N VAL A 82 -26.37 15.87 40.42
CA VAL A 82 -26.07 15.70 41.81
C VAL A 82 -27.16 16.37 42.63
N GLN A 83 -27.61 15.70 43.69
CA GLN A 83 -28.45 16.38 44.66
C GLN A 83 -27.91 16.46 46.09
N ALA A 84 -28.52 17.35 46.85
CA ALA A 84 -28.26 17.50 48.27
C ALA A 84 -29.57 17.60 49.05
N LYS A 85 -29.69 16.75 50.06
CA LYS A 85 -30.95 16.57 50.78
C LYS A 85 -30.57 16.40 52.23
N ASP A 86 -31.09 17.27 53.10
CA ASP A 86 -30.97 17.00 54.54
C ASP A 86 -31.81 15.79 54.92
N LEU A 87 -31.28 14.99 55.85
CA LEU A 87 -32.08 14.03 56.56
C LEU A 87 -33.23 14.83 57.19
N GLY A 88 -34.43 14.61 56.66
CA GLY A 88 -35.54 15.53 56.89
C GLY A 88 -36.85 14.80 56.71
N PRO A 89 -37.83 15.08 57.61
CA PRO A 89 -39.15 14.50 57.41
C PRO A 89 -39.82 15.05 56.14
N ASN A 90 -39.92 16.38 56.07
CA ASN A 90 -40.22 17.07 54.83
C ASN A 90 -39.10 18.05 54.51
N SER A 91 -38.48 17.87 53.33
CA SER A 91 -37.34 18.68 52.92
C SER A 91 -37.06 18.47 51.43
N ILE A 92 -37.09 19.54 50.65
CA ILE A 92 -36.85 19.41 49.21
C ILE A 92 -35.34 19.37 48.84
N PRO A 93 -34.99 18.67 47.74
CA PRO A 93 -33.57 18.64 47.36
C PRO A 93 -33.10 19.84 46.57
N ALA A 94 -31.82 20.14 46.70
CA ALA A 94 -31.10 20.99 45.75
C ALA A 94 -30.43 20.09 44.72
N HIS A 95 -30.28 20.61 43.50
CA HIS A 95 -29.77 19.87 42.36
C HIS A 95 -28.68 20.71 41.73
N CYS A 96 -27.68 20.07 41.15
CA CYS A 96 -26.81 20.72 40.19
C CYS A 96 -26.40 19.73 39.13
N LYS A 97 -25.73 20.24 38.12
CA LYS A 97 -25.21 19.42 37.07
C LYS A 97 -23.69 19.52 37.14
N VAL A 98 -23.01 18.38 37.01
CA VAL A 98 -21.55 18.39 36.90
C VAL A 98 -21.12 17.75 35.58
N ILE A 99 -20.50 18.57 34.73
CA ILE A 99 -20.03 18.13 33.45
C ILE A 99 -18.51 17.87 33.51
N VAL A 100 -18.13 16.62 33.26
CA VAL A 100 -16.73 16.23 33.25
C VAL A 100 -16.22 16.00 31.84
N ASN A 101 -15.37 16.90 31.39
CA ASN A 101 -14.56 16.77 30.16
C ASN A 101 -13.33 15.93 30.39
N VAL A 102 -13.28 14.86 29.63
CA VAL A 102 -12.21 13.96 29.70
C VAL A 102 -11.26 14.35 28.61
N ILE A 103 -10.05 14.69 29.00
CA ILE A 103 -9.14 15.32 28.08
C ILE A 103 -8.20 14.30 27.46
N ASP A 104 -8.14 14.35 26.14
CA ASP A 104 -7.45 13.33 25.38
C ASP A 104 -5.95 13.51 25.52
N ILE A 105 -5.28 12.39 25.81
CA ILE A 105 -3.84 12.26 25.63
C ILE A 105 -3.44 11.24 24.58
N ASN A 106 -2.18 11.32 24.15
CA ASN A 106 -1.67 10.41 23.17
C ASN A 106 -1.35 9.03 23.75
N ASP A 107 -2.36 8.23 23.95
CA ASP A 107 -2.16 6.87 24.39
C ASP A 107 -2.46 5.84 23.27
N ASN A 108 -2.44 6.27 22.01
CA ASN A 108 -2.73 5.38 20.88
C ASN A 108 -1.77 5.62 19.76
N ALA A 109 -1.05 4.57 19.40
CA ALA A 109 -0.11 4.58 18.29
C ALA A 109 -0.86 4.52 16.98
N PRO A 110 -0.20 4.90 15.88
CA PRO A 110 -0.86 4.81 14.59
C PRO A 110 -1.02 3.39 14.11
N GLU A 111 -2.21 3.03 13.64
CA GLU A 111 -2.50 1.77 12.92
C GLU A 111 -2.23 1.97 11.42
N ILE A 112 -1.46 1.06 10.83
CA ILE A 112 -1.22 1.08 9.39
C ILE A 112 -1.99 -0.03 8.67
N LYS A 113 -2.93 0.37 7.81
CA LYS A 113 -3.74 -0.59 7.04
C LYS A 113 -3.42 -0.56 5.53
N LEU A 114 -3.08 -1.74 5.00
CA LEU A 114 -3.16 -2.05 3.56
C LEU A 114 -4.59 -2.26 3.05
N LEU A 115 -4.99 -1.49 2.04
CA LEU A 115 -6.09 -1.90 1.14
C LEU A 115 -5.61 -2.88 0.04
N SER A 116 -5.63 -4.16 0.40
CA SER A 116 -5.69 -5.24 -0.58
C SER A 116 -6.58 -6.36 -0.06
N GLU A 117 -6.72 -7.41 -0.86
CA GLU A 117 -7.51 -8.59 -0.47
C GLU A 117 -6.78 -9.43 0.58
N ASN A 118 -5.49 -9.17 0.77
CA ASN A 118 -4.74 -9.71 1.92
C ASN A 118 -3.72 -8.72 2.48
N SER A 119 -3.41 -8.89 3.77
CA SER A 119 -2.55 -7.96 4.52
C SER A 119 -1.04 -8.23 4.33
N GLU A 120 -0.71 -9.29 3.61
CA GLU A 120 0.62 -9.43 2.97
C GLU A 120 0.53 -9.88 1.51
N MET A 121 -0.31 -10.89 1.24
CA MET A 121 -0.47 -11.44 -0.12
C MET A 121 -0.92 -10.34 -1.10
N VAL A 122 0.05 -9.85 -1.87
CA VAL A 122 -0.03 -8.58 -2.57
C VAL A 122 0.95 -8.61 -3.75
N GLU A 123 0.44 -8.77 -4.98
CA GLU A 123 1.30 -9.03 -6.11
C GLU A 123 1.25 -7.95 -7.19
N VAL A 124 2.06 -8.14 -8.23
CA VAL A 124 2.08 -7.17 -9.33
C VAL A 124 2.63 -7.86 -10.62
N SER A 125 2.57 -7.17 -11.75
CA SER A 125 3.27 -7.65 -12.94
C SER A 125 4.44 -6.74 -13.23
N GLU A 126 5.56 -7.35 -13.63
CA GLU A 126 6.79 -6.59 -13.86
C GLU A 126 6.62 -5.59 -15.01
N ASN A 127 5.60 -5.83 -15.84
CA ASN A 127 5.31 -4.98 -16.98
C ASN A 127 4.53 -3.70 -16.63
N ALA A 128 4.19 -3.50 -15.35
CA ALA A 128 3.46 -2.31 -14.96
C ALA A 128 4.38 -1.08 -15.01
N PRO A 129 3.85 0.04 -15.53
CA PRO A 129 4.69 1.23 -15.79
C PRO A 129 5.01 2.07 -14.54
N LEU A 130 5.74 3.15 -14.73
CA LEU A 130 6.01 4.13 -13.68
C LEU A 130 4.78 4.92 -13.20
N GLY A 131 4.18 4.48 -12.10
CA GLY A 131 2.97 5.10 -11.58
C GLY A 131 1.87 4.12 -11.21
N TYR A 132 2.04 2.84 -11.54
CA TYR A 132 0.93 1.92 -11.39
C TYR A 132 0.61 1.70 -9.92
N VAL A 133 -0.55 2.17 -9.46
CA VAL A 133 -0.92 1.92 -8.09
C VAL A 133 -1.15 0.42 -7.85
N ILE A 134 -0.29 -0.14 -7.02
CA ILE A 134 -0.37 -1.55 -6.68
C ILE A 134 -1.27 -1.76 -5.46
N ALA A 135 -1.26 -0.85 -4.50
CA ALA A 135 -2.17 -0.92 -3.33
C ALA A 135 -2.50 0.43 -2.76
N LEU A 136 -3.40 0.43 -1.79
CA LEU A 136 -3.67 1.65 -1.03
C LEU A 136 -3.41 1.42 0.47
N VAL A 137 -2.63 2.31 1.08
CA VAL A 137 -2.49 2.30 2.55
C VAL A 137 -3.30 3.40 3.21
N ARG A 138 -3.97 3.01 4.29
CA ARG A 138 -4.65 3.94 5.17
C ARG A 138 -4.05 3.87 6.58
N VAL A 139 -3.63 5.01 7.12
CA VAL A 139 -3.11 5.05 8.49
C VAL A 139 -4.08 5.79 9.38
N SER A 140 -4.44 5.17 10.49
CA SER A 140 -5.36 5.78 11.41
C SER A 140 -4.75 5.89 12.82
N ASP A 141 -5.37 6.73 13.63
CA ASP A 141 -5.04 6.90 15.01
C ASP A 141 -6.35 7.19 15.73
N ASN A 142 -6.66 6.38 16.73
CA ASN A 142 -7.83 6.61 17.56
C ASN A 142 -7.83 7.87 18.42
N ASP A 143 -6.70 8.59 18.55
CA ASP A 143 -6.65 9.79 19.39
C ASP A 143 -7.24 10.96 18.60
N SER A 144 -7.46 12.10 19.27
CA SER A 144 -7.95 13.31 18.60
C SER A 144 -6.90 14.40 18.45
N GLY A 145 -7.21 15.40 17.63
CA GLY A 145 -6.31 16.50 17.36
C GLY A 145 -5.00 16.09 16.74
N ALA A 146 -3.94 16.74 17.22
CA ALA A 146 -2.57 16.42 16.82
C ALA A 146 -2.21 14.99 17.19
N ASN A 147 -2.74 14.52 18.32
CA ASN A 147 -2.41 13.19 18.80
C ASN A 147 -2.83 12.15 17.81
N GLY A 148 -3.84 12.51 17.01
CA GLY A 148 -4.39 11.65 15.99
C GLY A 148 -3.99 11.90 14.54
N LYS A 149 -3.37 13.05 14.22
CA LYS A 149 -2.78 13.34 12.90
C LYS A 149 -1.51 12.54 12.67
N VAL A 150 -1.48 11.82 11.56
CA VAL A 150 -0.46 10.83 11.30
C VAL A 150 0.25 11.12 10.00
N GLN A 151 1.42 10.54 9.81
CA GLN A 151 2.29 10.85 8.68
C GLN A 151 3.19 9.65 8.47
N CYS A 152 3.45 9.28 7.24
CA CYS A 152 4.18 8.05 7.03
C CYS A 152 5.00 8.09 5.76
N ARG A 153 5.67 6.98 5.49
CA ARG A 153 6.95 7.02 4.86
C ARG A 153 7.38 5.60 4.63
N LEU A 154 7.82 5.35 3.41
CA LEU A 154 8.34 4.05 2.99
C LEU A 154 9.82 4.01 3.33
N GLN A 155 10.28 2.87 3.82
CA GLN A 155 11.66 2.73 4.28
C GLN A 155 12.36 1.61 3.54
N GLY A 156 13.68 1.57 3.69
CA GLY A 156 14.54 1.00 2.66
C GLY A 156 14.38 1.80 1.39
N ASN A 157 15.31 1.63 0.45
CA ASN A 157 15.03 2.08 -0.89
C ASN A 157 14.96 0.95 -1.93
N VAL A 158 14.03 1.14 -2.85
CA VAL A 158 13.27 0.07 -3.50
C VAL A 158 12.48 0.74 -4.61
N PRO A 159 12.03 -0.06 -5.57
CA PRO A 159 11.49 0.51 -6.78
C PRO A 159 10.00 0.80 -6.65
N PHE A 160 9.57 1.08 -5.41
CA PHE A 160 8.23 1.59 -5.19
C PHE A 160 8.31 2.96 -4.54
N ARG A 161 7.17 3.62 -4.37
CA ARG A 161 7.08 4.80 -3.54
C ARG A 161 5.65 4.98 -3.03
N LEU A 162 5.50 5.70 -1.93
CA LEU A 162 4.17 6.06 -1.43
C LEU A 162 3.82 7.43 -1.98
N ASN A 163 2.53 7.64 -2.26
CA ASN A 163 2.07 8.96 -2.66
C ASN A 163 1.08 9.53 -1.64
N GLU A 164 1.29 10.79 -1.28
CA GLU A 164 0.61 11.40 -0.15
C GLU A 164 -0.68 12.08 -0.61
N PHE A 165 -1.83 11.57 -0.19
CA PHE A 165 -3.08 12.31 -0.34
C PHE A 165 -3.66 12.63 1.03
N GLU A 166 -4.51 13.65 1.10
CA GLU A 166 -5.41 13.79 2.24
C GLU A 166 -6.18 12.48 2.38
N SER A 167 -6.08 11.87 3.56
CA SER A 167 -6.91 10.73 3.95
C SER A 167 -6.47 9.37 3.38
N PHE A 168 -5.44 9.33 2.54
CA PHE A 168 -4.88 8.06 2.10
C PHE A 168 -3.60 8.22 1.31
N SER A 169 -2.90 7.10 1.18
CA SER A 169 -1.66 7.03 0.43
C SER A 169 -1.68 5.87 -0.56
N THR A 170 -1.01 6.06 -1.68
CA THR A 170 -0.99 5.04 -2.70
C THR A 170 0.42 4.50 -2.91
N LEU A 171 0.54 3.18 -2.85
CA LEU A 171 1.80 2.49 -3.14
C LEU A 171 2.00 2.27 -4.65
N LEU A 172 2.95 2.99 -5.24
CA LEU A 172 3.21 2.92 -6.69
C LEU A 172 4.44 2.08 -7.03
N VAL A 173 4.72 1.91 -8.32
CA VAL A 173 6.06 1.53 -8.75
C VAL A 173 6.87 2.79 -9.14
N ASP A 174 8.16 2.77 -8.78
CA ASP A 174 9.04 3.93 -8.95
C ASP A 174 10.27 3.51 -9.72
N GLY A 175 10.24 2.31 -10.28
CA GLY A 175 11.42 1.69 -10.87
C GLY A 175 11.05 0.65 -11.90
N ARG A 176 11.91 0.50 -12.90
CA ARG A 176 11.97 -0.72 -13.69
C ARG A 176 11.95 -1.93 -12.75
N LEU A 177 10.94 -2.78 -12.92
CA LEU A 177 10.91 -4.10 -12.28
C LEU A 177 11.16 -5.16 -13.33
N ASP A 178 11.75 -6.28 -12.91
CA ASP A 178 11.63 -7.54 -13.66
C ASP A 178 11.79 -8.75 -12.75
N ARG A 179 10.83 -9.68 -12.81
CA ARG A 179 10.78 -10.83 -11.89
C ARG A 179 12.13 -11.58 -11.80
N GLU A 180 13.02 -11.35 -12.79
CA GLU A 180 14.27 -12.11 -12.89
C GLU A 180 15.32 -11.54 -11.92
N GLN A 181 15.50 -10.22 -11.95
CA GLN A 181 16.44 -9.54 -11.06
C GLN A 181 15.96 -9.61 -9.60
N ARG A 182 14.70 -9.24 -9.38
CA ARG A 182 14.13 -9.24 -8.03
C ARG A 182 12.69 -9.77 -8.02
N ASP A 183 12.47 -10.80 -7.22
CA ASP A 183 11.25 -11.58 -7.22
C ASP A 183 10.26 -11.14 -6.13
N MET A 184 10.68 -11.35 -4.88
CA MET A 184 9.98 -10.87 -3.67
C MET A 184 10.53 -9.49 -3.30
N TYR A 185 9.73 -8.71 -2.60
CA TYR A 185 10.25 -7.61 -1.80
C TYR A 185 9.75 -7.64 -0.35
N ASN A 186 10.55 -7.13 0.56
CA ASN A 186 10.04 -6.71 1.86
C ASN A 186 10.05 -5.20 2.08
N LEU A 187 8.85 -4.64 2.11
CA LEU A 187 8.65 -3.22 2.33
C LEU A 187 8.30 -2.93 3.77
N THR A 188 8.80 -1.81 4.27
CA THR A 188 8.43 -1.36 5.60
C THR A 188 7.81 0.00 5.50
N ILE A 189 6.62 0.14 6.07
CA ILE A 189 6.07 1.47 6.29
C ILE A 189 6.23 1.90 7.74
N LEU A 190 6.82 3.08 7.93
CA LEU A 190 6.97 3.72 9.23
C LEU A 190 5.98 4.86 9.35
N ALA A 191 5.24 4.91 10.47
CA ALA A 191 4.25 5.97 10.70
C ALA A 191 4.46 6.72 12.04
N GLU A 192 4.15 8.01 12.08
CA GLU A 192 4.32 8.81 13.26
C GLU A 192 3.19 9.81 13.39
N ASP A 193 2.64 9.89 14.59
CA ASP A 193 1.61 10.83 14.92
C ASP A 193 2.25 12.07 15.46
N SER A 194 1.48 13.10 15.74
CA SER A 194 2.04 14.42 15.99
C SER A 194 1.72 14.88 17.41
N GLY A 195 1.37 13.92 18.25
CA GLY A 195 1.20 14.16 19.67
C GLY A 195 2.54 14.28 20.36
N TYR A 196 2.50 14.48 21.66
CA TYR A 196 3.71 14.47 22.45
C TYR A 196 3.47 13.66 23.71
N PRO A 197 4.36 12.73 24.02
CA PRO A 197 5.39 12.29 23.08
C PRO A 197 4.78 11.69 21.81
N PRO A 198 5.44 11.91 20.64
CA PRO A 198 5.08 11.22 19.40
C PRO A 198 5.16 9.73 19.57
N LEU A 199 4.13 9.02 19.13
CA LEU A 199 4.14 7.58 19.10
C LEU A 199 4.26 7.13 17.66
N ARG A 200 4.84 5.97 17.46
CA ARG A 200 5.15 5.57 16.13
C ARG A 200 5.07 4.07 15.98
N SER A 201 4.86 3.65 14.75
CA SER A 201 4.35 2.35 14.49
C SER A 201 4.92 1.95 13.15
N SER A 202 5.05 0.66 12.92
CA SER A 202 5.52 0.24 11.63
C SER A 202 5.03 -1.15 11.21
N LYS A 203 4.86 -1.30 9.91
CA LYS A 203 4.29 -2.51 9.31
C LYS A 203 5.20 -2.95 8.20
N SER A 204 5.67 -4.19 8.31
CA SER A 204 6.45 -4.83 7.27
C SER A 204 5.59 -5.80 6.50
N PHE A 205 5.65 -5.73 5.17
CA PHE A 205 4.77 -6.52 4.32
C PHE A 205 5.39 -6.83 2.97
N ALA A 206 4.99 -7.97 2.43
CA ALA A 206 5.64 -8.56 1.27
C ALA A 206 4.95 -8.10 -0.02
N VAL A 207 5.77 -7.86 -1.04
CA VAL A 207 5.29 -7.73 -2.40
C VAL A 207 5.91 -8.83 -3.25
N LYS A 208 5.08 -9.72 -3.79
CA LYS A 208 5.58 -10.70 -4.78
C LYS A 208 5.32 -10.22 -6.21
N VAL A 209 6.37 -10.24 -7.03
CA VAL A 209 6.26 -9.78 -8.43
C VAL A 209 5.91 -10.95 -9.37
N THR A 210 5.17 -10.64 -10.44
CA THR A 210 4.98 -11.61 -11.54
C THR A 210 5.14 -10.96 -12.93
N ASP A 211 5.17 -11.84 -13.94
CA ASP A 211 5.08 -11.51 -15.39
C ASP A 211 3.64 -11.51 -15.91
N LEU A 212 2.83 -12.45 -15.43
CA LEU A 212 1.38 -12.26 -15.35
C LEU A 212 0.79 -13.26 -14.36
N PRO B 2 22.85 4.87 43.73
CA PRO B 2 21.47 4.97 43.26
C PRO B 2 21.32 4.82 41.74
N VAL B 3 20.15 4.37 41.33
CA VAL B 3 19.81 4.19 39.94
C VAL B 3 18.32 4.47 39.85
N PHE B 4 17.94 5.45 39.04
CA PHE B 4 16.53 5.69 38.78
C PHE B 4 15.93 4.52 38.02
N ASP B 5 14.70 4.17 38.34
CA ASP B 5 13.99 3.11 37.65
C ASP B 5 14.06 3.29 36.16
N GLU B 6 13.91 4.54 35.68
CA GLU B 6 13.91 4.78 34.23
C GLU B 6 14.84 5.94 33.92
N PRO B 7 15.57 5.87 32.81
CA PRO B 7 16.41 7.03 32.48
C PRO B 7 15.61 8.30 32.14
N VAL B 8 14.45 8.11 31.49
CA VAL B 8 13.52 9.21 31.17
C VAL B 8 12.06 8.90 31.54
N TYR B 9 11.40 9.86 32.16
CA TYR B 9 9.99 9.78 32.46
C TYR B 9 9.25 10.89 31.71
N THR B 10 8.07 10.61 31.20
CA THR B 10 7.23 11.67 30.62
C THR B 10 5.85 11.68 31.27
N VAL B 11 5.38 12.84 31.70
CA VAL B 11 4.07 12.87 32.30
C VAL B 11 3.21 13.95 31.68
N ASN B 12 1.90 13.71 31.64
CA ASN B 12 1.00 14.78 31.36
C ASN B 12 0.43 15.48 32.60
N VAL B 13 0.34 16.80 32.55
CA VAL B 13 -0.31 17.57 33.56
C VAL B 13 -1.23 18.63 32.93
N LEU B 14 -2.47 18.74 33.40
CA LEU B 14 -3.37 19.79 32.88
C LEU B 14 -2.79 21.15 33.16
N GLU B 15 -2.94 22.06 32.22
CA GLU B 15 -2.61 23.40 32.52
C GLU B 15 -3.57 23.90 33.62
N ASN B 16 -3.05 24.84 34.43
CA ASN B 16 -3.80 25.40 35.59
C ASN B 16 -4.07 24.43 36.72
N SER B 17 -3.39 23.30 36.76
CA SER B 17 -3.46 22.40 37.90
C SER B 17 -3.13 23.18 39.15
N PRO B 18 -3.84 22.92 40.25
CA PRO B 18 -3.57 23.58 41.53
C PRO B 18 -2.18 23.28 42.06
N ILE B 19 -1.64 24.16 42.90
CA ILE B 19 -0.26 23.97 43.35
C ILE B 19 -0.28 22.81 44.35
N ASN B 20 0.78 22.00 44.35
CA ASN B 20 0.82 20.68 45.02
C ASN B 20 0.28 19.45 44.27
N THR B 21 -0.33 19.68 43.11
CA THR B 21 -0.65 18.60 42.26
C THR B 21 0.59 17.70 42.05
N LEU B 22 0.42 16.40 42.31
CA LEU B 22 1.47 15.42 42.03
C LEU B 22 1.82 15.43 40.55
N VAL B 23 3.12 15.30 40.26
CA VAL B 23 3.59 15.19 38.90
C VAL B 23 4.21 13.81 38.80
N ILE B 24 5.17 13.50 39.65
CA ILE B 24 5.66 12.13 39.68
C ILE B 24 6.46 11.84 40.94
N ASP B 25 6.37 10.59 41.41
CA ASP B 25 7.15 10.10 42.55
C ASP B 25 8.29 9.24 42.02
N LEU B 26 9.47 9.82 42.05
CA LEU B 26 10.64 9.19 41.49
C LEU B 26 11.22 8.29 42.53
N ASN B 27 11.83 7.20 42.10
CA ASN B 27 12.63 6.40 43.01
C ASN B 27 13.97 5.95 42.43
N ALA B 28 15.02 6.09 43.24
CA ALA B 28 16.35 5.71 42.81
C ALA B 28 17.05 4.70 43.73
N THR B 29 16.41 4.35 44.84
CA THR B 29 16.98 3.44 45.83
C THR B 29 16.01 2.33 46.00
N ASP B 30 16.49 1.18 46.47
CA ASP B 30 15.62 0.09 46.88
C ASP B 30 14.95 0.52 48.17
N PRO B 31 13.63 0.33 48.26
CA PRO B 31 13.05 0.98 49.44
C PRO B 31 13.28 0.22 50.75
N ASP B 32 14.34 -0.59 50.81
CA ASP B 32 14.75 -1.25 52.05
C ASP B 32 15.24 -0.21 53.07
N GLU B 38 21.50 7.59 52.49
CA GLU B 38 20.66 8.77 52.67
C GLU B 38 20.71 9.63 51.41
N VAL B 39 19.76 9.37 50.53
CA VAL B 39 19.78 9.94 49.19
C VAL B 39 19.08 11.27 49.18
N VAL B 40 19.72 12.24 48.54
CA VAL B 40 19.09 13.52 48.26
C VAL B 40 18.68 13.61 46.78
N TYR B 41 17.46 14.07 46.54
CA TYR B 41 16.92 14.25 45.20
C TYR B 41 16.97 15.73 44.98
N SER B 42 17.45 16.13 43.83
CA SER B 42 17.47 17.54 43.53
C SER B 42 17.28 17.75 42.05
N PHE B 43 16.86 18.96 41.68
CA PHE B 43 16.99 19.40 40.31
C PHE B 43 18.40 19.87 40.10
N ILE B 44 18.99 19.51 38.97
CA ILE B 44 20.29 20.07 38.61
C ILE B 44 20.22 20.95 37.38
N ASN B 45 19.13 20.88 36.65
CA ASN B 45 19.03 21.72 35.48
C ASN B 45 17.67 21.83 34.82
N PHE B 46 17.66 22.57 33.72
CA PHE B 46 16.67 23.60 33.48
C PHE B 46 16.80 24.08 32.03
N VAL B 47 16.01 23.46 31.16
CA VAL B 47 15.90 23.91 29.76
C VAL B 47 15.14 25.25 29.66
N SER B 48 14.43 25.61 30.73
CA SER B 48 13.85 26.95 30.90
C SER B 48 14.13 27.51 32.31
N ASN B 49 14.21 28.83 32.40
CA ASN B 49 14.33 29.49 33.70
C ASN B 49 12.99 29.46 34.44
N LEU B 50 11.91 29.59 33.67
CA LEU B 50 10.53 29.46 34.15
C LEU B 50 10.25 28.14 34.88
N THR B 51 10.75 27.06 34.33
CA THR B 51 10.66 25.76 34.97
C THR B 51 11.12 25.71 36.43
N LYS B 52 12.04 26.59 36.83
CA LYS B 52 12.58 26.51 38.19
C LYS B 52 11.50 26.83 39.23
N GLN B 53 10.52 27.61 38.81
CA GLN B 53 9.51 28.13 39.72
C GLN B 53 8.16 27.51 39.37
N MET B 54 8.16 26.33 38.74
CA MET B 54 6.92 25.64 38.45
C MET B 54 6.84 24.24 39.07
N PHE B 55 7.92 23.77 39.69
CA PHE B 55 7.94 22.44 40.30
C PHE B 55 8.84 22.43 41.52
N LYS B 56 8.35 21.95 42.65
CA LYS B 56 9.21 21.51 43.78
C LYS B 56 9.68 20.09 43.51
N ILE B 57 10.76 19.70 44.17
CA ILE B 57 10.96 18.29 44.43
C ILE B 57 11.34 18.05 45.90
N ASP B 58 10.60 17.17 46.57
CA ASP B 58 10.97 16.72 47.91
C ASP B 58 12.29 15.95 47.95
N PRO B 59 13.28 16.50 48.65
CA PRO B 59 14.64 16.00 48.59
C PRO B 59 14.81 14.62 49.19
N LYS B 60 13.87 14.22 50.05
CA LYS B 60 13.91 12.89 50.65
C LYS B 60 13.19 11.85 49.79
N THR B 61 11.99 12.18 49.29
CA THR B 61 11.12 11.20 48.63
C THR B 61 11.20 11.21 47.10
N GLY B 62 11.64 12.35 46.56
CA GLY B 62 11.75 12.52 45.12
C GLY B 62 10.40 12.65 44.46
N VAL B 63 9.42 13.13 45.22
CA VAL B 63 8.12 13.43 44.68
C VAL B 63 8.21 14.86 44.13
N ILE B 64 7.96 15.00 42.84
CA ILE B 64 7.78 16.31 42.24
C ILE B 64 6.31 16.67 42.20
N THR B 65 6.05 17.92 42.53
CA THR B 65 4.74 18.51 42.54
C THR B 65 4.76 19.82 41.77
N VAL B 66 3.58 20.20 41.32
CA VAL B 66 3.37 21.47 40.70
C VAL B 66 3.53 22.60 41.72
N ASN B 67 4.11 23.70 41.27
CA ASN B 67 4.46 24.79 42.19
C ASN B 67 4.10 26.20 41.80
N GLY B 68 3.85 26.43 40.52
CA GLY B 68 3.23 27.67 40.08
C GLY B 68 2.08 27.44 39.13
N VAL B 69 1.66 28.51 38.46
CA VAL B 69 0.59 28.40 37.48
C VAL B 69 1.18 27.85 36.20
N LEU B 70 0.73 26.67 35.81
CA LEU B 70 1.12 26.09 34.53
C LEU B 70 0.26 26.58 33.42
N ASP B 71 0.88 27.28 32.47
CA ASP B 71 0.16 27.86 31.35
C ASP B 71 0.66 27.22 30.06
N HIS B 72 -0.20 26.44 29.42
CA HIS B 72 0.04 25.95 28.06
C HIS B 72 0.49 27.01 27.05
N GLU B 73 -0.10 28.20 27.15
CA GLU B 73 0.10 29.21 26.13
C GLU B 73 1.43 29.91 26.37
N GLU B 74 2.02 29.65 27.53
CA GLU B 74 3.35 30.13 27.81
C GLU B 74 4.41 29.10 27.52
N LEU B 75 4.15 27.83 27.82
CA LEU B 75 5.13 26.75 27.56
C LEU B 75 4.53 25.33 27.50
N HIS B 76 4.53 24.74 26.31
CA HIS B 76 3.94 23.42 26.05
C HIS B 76 4.61 22.29 26.88
N ILE B 77 5.95 22.31 26.97
CA ILE B 77 6.77 21.21 27.54
C ILE B 77 7.82 21.73 28.50
N HIS B 78 8.09 20.97 29.56
CA HIS B 78 9.20 21.26 30.44
C HIS B 78 10.06 20.02 30.55
N GLU B 79 11.36 20.25 30.50
CA GLU B 79 12.35 19.21 30.57
C GLU B 79 13.16 19.45 31.79
N ILE B 80 13.16 18.49 32.71
CA ILE B 80 13.83 18.65 33.98
C ILE B 80 14.87 17.58 34.10
N ASP B 81 16.05 17.95 34.58
CA ASP B 81 17.07 16.98 34.92
C ASP B 81 17.12 16.87 36.44
N VAL B 82 17.06 15.63 36.91
CA VAL B 82 17.04 15.32 38.34
C VAL B 82 18.17 14.39 38.65
N GLN B 83 18.69 14.51 39.86
CA GLN B 83 19.68 13.59 40.32
C GLN B 83 19.34 13.14 41.69
N ALA B 84 19.91 11.98 42.01
CA ALA B 84 19.85 11.38 43.35
C ALA B 84 21.27 11.02 43.79
N LYS B 85 21.67 11.57 44.91
CA LYS B 85 23.06 11.45 45.34
C LYS B 85 23.15 11.09 46.81
N ASP B 86 23.92 10.02 47.07
CA ASP B 86 24.16 9.50 48.42
C ASP B 86 25.31 10.29 49.03
N LEU B 87 25.30 10.45 50.35
CA LEU B 87 26.38 11.13 51.08
C LEU B 87 27.57 10.20 51.30
N GLY B 88 28.74 10.52 50.74
CA GLY B 88 29.96 9.75 51.03
C GLY B 88 31.18 9.94 50.14
N PRO B 89 31.85 8.82 49.78
CA PRO B 89 33.18 8.79 49.16
C PRO B 89 33.18 8.54 47.65
N ASN B 90 33.64 9.52 46.88
CA ASN B 90 33.39 9.56 45.44
C ASN B 90 31.95 9.17 45.14
N SER B 91 31.05 9.43 46.09
CA SER B 91 29.67 8.94 46.02
C SER B 91 29.03 9.49 44.77
N ILE B 92 29.04 8.70 43.70
CA ILE B 92 28.74 9.21 42.35
C ILE B 92 27.20 9.32 42.14
N PRO B 93 26.76 10.27 41.29
CA PRO B 93 25.33 10.54 41.34
C PRO B 93 24.61 9.98 40.13
N ALA B 94 23.39 9.53 40.32
CA ALA B 94 22.60 8.99 39.22
C ALA B 94 21.69 10.10 38.72
N HIS B 95 21.37 10.13 37.44
CA HIS B 95 20.49 11.19 36.97
C HIS B 95 19.37 10.66 36.09
N CYS B 96 18.28 11.38 35.98
CA CYS B 96 17.33 11.02 34.97
C CYS B 96 16.77 12.29 34.46
N LYS B 97 15.93 12.15 33.45
CA LYS B 97 15.25 13.26 32.84
C LYS B 97 13.74 13.09 33.01
N VAL B 98 13.08 14.13 33.52
CA VAL B 98 11.60 14.22 33.55
C VAL B 98 11.04 15.25 32.54
N ILE B 99 10.18 14.79 31.65
CA ILE B 99 9.53 15.64 30.69
C ILE B 99 8.03 15.81 31.04
N VAL B 100 7.62 17.02 31.39
CA VAL B 100 6.23 17.34 31.69
C VAL B 100 5.60 18.04 30.50
N ASN B 101 4.65 17.37 29.83
CA ASN B 101 3.68 18.05 28.94
C ASN B 101 2.55 18.70 29.69
N VAL B 102 2.50 20.00 29.50
CA VAL B 102 1.37 20.79 29.91
C VAL B 102 0.33 20.72 28.83
N ILE B 103 -0.85 20.23 29.21
CA ILE B 103 -1.90 19.85 28.27
C ILE B 103 -2.91 20.94 28.14
N ASP B 104 -3.16 21.37 26.92
CA ASP B 104 -3.95 22.57 26.67
C ASP B 104 -5.39 22.27 27.05
N ILE B 105 -6.00 23.18 27.82
CA ILE B 105 -7.45 23.30 27.89
C ILE B 105 -7.97 24.62 27.32
N ASN B 106 -9.28 24.66 27.10
CA ASN B 106 -9.85 25.87 26.55
C ASN B 106 -10.00 26.92 27.60
N ASP B 107 -8.93 27.66 27.87
CA ASP B 107 -8.99 28.79 28.80
C ASP B 107 -8.91 30.17 28.09
N ASN B 108 -9.09 30.18 26.79
CA ASN B 108 -9.03 31.45 26.02
C ASN B 108 -10.17 31.61 25.03
N ALA B 109 -10.96 32.66 25.24
CA ALA B 109 -11.98 33.11 24.32
C ALA B 109 -11.40 33.63 23.00
N PRO B 110 -12.17 33.54 21.91
CA PRO B 110 -11.79 34.18 20.65
C PRO B 110 -11.71 35.69 20.77
N GLU B 111 -10.69 36.27 20.18
CA GLU B 111 -10.54 37.73 20.02
C GLU B 111 -10.88 38.08 18.57
N ILE B 112 -11.51 39.22 18.35
CA ILE B 112 -11.91 39.65 17.02
C ILE B 112 -11.36 41.04 16.72
N LYS B 113 -10.65 41.18 15.61
CA LYS B 113 -10.12 42.49 15.19
C LYS B 113 -10.52 42.81 13.77
N LEU B 114 -10.89 44.08 13.56
CA LEU B 114 -11.12 44.61 12.22
C LEU B 114 -9.83 45.18 11.68
N LEU B 115 -9.42 44.71 10.51
CA LEU B 115 -8.32 45.33 9.77
C LEU B 115 -8.84 46.43 8.84
N SER B 116 -8.55 47.66 9.23
CA SER B 116 -8.97 48.83 8.50
C SER B 116 -8.28 50.10 9.04
N GLU B 117 -8.93 51.24 8.86
CA GLU B 117 -8.42 52.53 9.34
C GLU B 117 -8.61 52.78 10.85
N ASN B 118 -9.48 51.98 11.48
CA ASN B 118 -9.83 52.14 12.89
C ASN B 118 -10.39 50.82 13.43
N SER B 119 -10.32 50.63 14.76
CA SER B 119 -11.10 49.58 15.44
C SER B 119 -12.62 49.69 15.18
N GLU B 120 -13.23 50.78 15.67
CA GLU B 120 -14.70 50.89 15.77
C GLU B 120 -15.35 51.58 14.58
N MET B 121 -14.54 52.32 13.81
CA MET B 121 -15.03 53.20 12.73
C MET B 121 -14.43 52.78 11.39
N VAL B 122 -15.12 51.87 10.73
CA VAL B 122 -14.87 51.62 9.34
C VAL B 122 -15.86 52.41 8.49
N GLU B 123 -15.37 53.04 7.42
CA GLU B 123 -16.25 53.81 6.56
C GLU B 123 -16.29 53.26 5.15
N VAL B 124 -17.41 53.50 4.50
CA VAL B 124 -17.61 53.03 3.15
C VAL B 124 -18.45 54.02 2.32
N SER B 125 -17.98 54.33 1.11
CA SER B 125 -18.76 55.16 0.19
C SER B 125 -20.12 54.53 -0.12
N GLU B 126 -21.17 55.34 -0.20
CA GLU B 126 -22.50 54.87 -0.64
C GLU B 126 -22.49 54.32 -2.09
N ASN B 127 -21.45 54.63 -2.85
CA ASN B 127 -21.40 54.26 -4.26
C ASN B 127 -20.53 53.03 -4.49
N ALA B 128 -20.40 52.22 -3.46
CA ALA B 128 -19.47 51.12 -3.49
C ALA B 128 -20.23 49.92 -3.99
N PRO B 129 -19.61 49.17 -4.91
CA PRO B 129 -20.35 48.05 -5.48
C PRO B 129 -20.64 46.98 -4.43
N LEU B 130 -21.76 46.29 -4.58
CA LEU B 130 -21.94 44.99 -3.95
C LEU B 130 -20.66 44.19 -4.07
N GLY B 131 -20.31 43.51 -2.98
CA GLY B 131 -19.09 42.73 -2.94
C GLY B 131 -17.90 43.48 -2.41
N TYR B 132 -17.99 44.80 -2.37
CA TYR B 132 -16.83 45.56 -2.05
C TYR B 132 -16.42 45.24 -0.60
N VAL B 133 -15.15 44.93 -0.41
CA VAL B 133 -14.58 44.65 0.91
C VAL B 133 -14.36 45.92 1.77
N ILE B 134 -15.14 46.09 2.84
CA ILE B 134 -14.90 47.19 3.78
C ILE B 134 -13.66 46.93 4.62
N ALA B 135 -13.49 45.68 5.05
CA ALA B 135 -12.48 45.37 6.06
C ALA B 135 -12.19 43.89 6.10
N LEU B 136 -11.05 43.54 6.65
CA LEU B 136 -10.76 42.17 7.00
C LEU B 136 -11.03 41.95 8.47
N VAL B 137 -11.78 40.90 8.75
CA VAL B 137 -11.99 40.45 10.11
C VAL B 137 -11.05 39.32 10.43
N ARG B 138 -10.21 39.57 11.42
CA ARG B 138 -9.25 38.57 11.83
C ARG B 138 -9.69 38.08 13.18
N VAL B 139 -9.86 36.77 13.29
CA VAL B 139 -10.30 36.15 14.51
C VAL B 139 -9.26 35.14 15.00
N SER B 140 -8.82 35.33 16.23
CA SER B 140 -7.75 34.55 16.82
C SER B 140 -8.22 33.94 18.16
N ASP B 141 -7.54 32.87 18.58
CA ASP B 141 -7.76 32.21 19.86
C ASP B 141 -6.40 31.67 20.34
N ASN B 142 -5.99 32.04 21.53
CA ASN B 142 -4.66 31.64 21.99
C ASN B 142 -4.49 30.16 22.28
N ASP B 143 -5.59 29.42 22.36
CA ASP B 143 -5.50 28.00 22.61
C ASP B 143 -5.07 27.29 21.33
N SER B 144 -4.95 25.98 21.42
CA SER B 144 -4.48 25.14 20.34
C SER B 144 -5.57 24.10 20.00
N GLY B 145 -5.36 23.37 18.92
CA GLY B 145 -6.35 22.40 18.44
C GLY B 145 -7.77 22.94 18.30
N ALA B 146 -8.75 22.10 18.57
CA ALA B 146 -10.15 22.46 18.48
C ALA B 146 -10.42 23.64 19.40
N ASN B 147 -9.72 23.72 20.53
CA ASN B 147 -9.88 24.84 21.46
C ASN B 147 -9.59 26.20 20.86
N GLY B 148 -8.74 26.20 19.84
CA GLY B 148 -8.30 27.44 19.22
C GLY B 148 -8.87 27.67 17.83
N LYS B 149 -9.64 26.71 17.32
CA LYS B 149 -10.36 26.83 16.07
C LYS B 149 -11.67 27.63 16.24
N VAL B 150 -11.94 28.53 15.31
CA VAL B 150 -12.99 29.53 15.48
C VAL B 150 -13.99 29.68 14.30
N GLN B 151 -15.27 29.88 14.61
CA GLN B 151 -16.30 30.26 13.62
C GLN B 151 -16.90 31.60 13.96
N CYS B 152 -17.50 32.26 12.98
CA CYS B 152 -18.05 33.58 13.27
C CYS B 152 -19.19 34.05 12.39
N ARG B 153 -20.14 34.74 13.01
CA ARG B 153 -21.36 35.17 12.39
C ARG B 153 -21.45 36.68 12.47
N LEU B 154 -21.89 37.32 11.40
CA LEU B 154 -22.37 38.70 11.53
C LEU B 154 -23.77 38.66 12.14
N GLN B 155 -24.06 39.57 13.05
CA GLN B 155 -25.36 39.55 13.67
C GLN B 155 -26.24 40.73 13.32
N GLY B 156 -27.54 40.49 13.31
CA GLY B 156 -28.54 41.47 12.93
C GLY B 156 -28.84 41.46 11.45
N ASN B 157 -29.85 42.24 11.06
CA ASN B 157 -30.29 42.28 9.67
C ASN B 157 -29.94 43.62 9.05
N VAL B 158 -29.09 43.58 8.04
CA VAL B 158 -28.17 44.65 7.75
C VAL B 158 -27.54 44.36 6.38
N PRO B 159 -27.29 45.42 5.58
CA PRO B 159 -26.77 45.36 4.22
C PRO B 159 -25.27 45.02 4.14
N PHE B 160 -24.83 44.07 4.97
CA PHE B 160 -23.48 43.52 4.87
C PHE B 160 -23.52 42.03 5.19
N ARG B 161 -22.34 41.44 5.21
CA ARG B 161 -22.15 40.04 4.94
C ARG B 161 -20.70 39.67 5.32
N LEU B 162 -20.52 38.60 6.10
CA LEU B 162 -19.16 38.06 6.33
C LEU B 162 -18.86 36.95 5.37
N ASN B 163 -17.63 36.95 4.87
CA ASN B 163 -17.12 35.88 4.01
C ASN B 163 -15.98 35.19 4.71
N GLU B 164 -16.12 33.88 4.93
CA GLU B 164 -15.12 33.05 5.62
C GLU B 164 -14.11 32.55 4.61
N PHE B 165 -12.85 32.77 4.94
CA PHE B 165 -11.71 32.21 4.21
C PHE B 165 -10.84 31.45 5.20
N GLU B 166 -9.77 30.82 4.72
CA GLU B 166 -8.97 29.94 5.58
C GLU B 166 -8.41 30.69 6.78
N SER B 167 -7.74 31.82 6.52
CA SER B 167 -6.91 32.49 7.53
C SER B 167 -7.42 33.89 7.90
N PHE B 168 -8.62 34.22 7.43
CA PHE B 168 -9.19 35.55 7.61
C PHE B 168 -10.61 35.60 7.05
N SER B 169 -11.36 36.64 7.44
CA SER B 169 -12.67 36.87 6.83
C SER B 169 -12.78 38.28 6.23
N THR B 170 -13.68 38.44 5.26
CA THR B 170 -13.96 39.76 4.73
C THR B 170 -15.33 40.30 5.18
N LEU B 171 -15.35 41.52 5.66
CA LEU B 171 -16.62 42.23 5.81
C LEU B 171 -16.94 42.90 4.50
N LEU B 172 -18.07 42.56 3.91
CA LEU B 172 -18.41 43.13 2.62
C LEU B 172 -19.84 43.59 2.44
N VAL B 173 -20.00 44.50 1.48
CA VAL B 173 -21.29 45.18 1.19
C VAL B 173 -22.29 44.20 0.56
N ASP B 174 -23.49 44.14 1.12
CA ASP B 174 -24.44 43.09 0.75
C ASP B 174 -25.81 43.58 0.33
N GLY B 175 -26.09 44.87 0.53
CA GLY B 175 -27.20 45.53 -0.17
C GLY B 175 -26.90 47.01 -0.38
N ARG B 176 -27.85 47.75 -0.92
CA ARG B 176 -27.57 49.14 -1.29
C ARG B 176 -27.56 50.09 -0.10
N LEU B 177 -26.68 51.08 -0.15
CA LEU B 177 -26.56 52.07 0.91
C LEU B 177 -26.98 53.45 0.42
N ASP B 178 -27.22 54.34 1.37
CA ASP B 178 -27.64 55.71 1.09
C ASP B 178 -27.52 56.53 2.37
N ARG B 179 -26.46 57.35 2.45
CA ARG B 179 -26.23 58.32 3.53
C ARG B 179 -27.50 58.98 4.07
N GLU B 180 -28.19 59.70 3.19
CA GLU B 180 -29.42 60.41 3.54
C GLU B 180 -30.57 59.41 3.66
N GLN B 181 -30.51 58.55 4.67
CA GLN B 181 -31.42 57.42 4.82
C GLN B 181 -30.95 56.59 6.01
N ARG B 182 -29.69 56.19 5.95
CA ARG B 182 -28.98 55.66 7.10
C ARG B 182 -27.49 55.80 6.87
N ASP B 183 -26.85 56.67 7.64
CA ASP B 183 -25.42 56.95 7.48
C ASP B 183 -24.56 56.27 8.56
N MET B 184 -25.19 55.51 9.45
CA MET B 184 -24.46 54.81 10.51
C MET B 184 -25.14 53.46 10.78
N TYR B 185 -24.36 52.41 10.68
CA TYR B 185 -24.85 51.09 11.07
C TYR B 185 -24.06 50.60 12.26
N ASN B 186 -24.68 49.73 13.06
CA ASN B 186 -24.05 49.23 14.26
C ASN B 186 -23.93 47.71 14.26
N LEU B 187 -22.72 47.23 14.02
CA LEU B 187 -22.51 45.84 13.68
C LEU B 187 -21.94 45.13 14.86
N THR B 188 -22.41 43.90 15.05
CA THR B 188 -21.77 42.98 15.97
C THR B 188 -21.43 41.69 15.28
N ILE B 189 -20.24 41.18 15.60
CA ILE B 189 -19.82 39.88 15.16
C ILE B 189 -19.73 38.97 16.35
N LEU B 190 -20.21 37.75 16.17
CA LEU B 190 -20.18 36.75 17.22
C LEU B 190 -19.22 35.63 16.80
N ALA B 191 -18.34 35.22 17.72
CA ALA B 191 -17.37 34.14 17.45
C ALA B 191 -17.42 33.06 18.55
N GLU B 192 -17.32 31.81 18.15
CA GLU B 192 -17.33 30.68 19.06
C GLU B 192 -16.17 29.80 18.67
N ASP B 193 -15.33 29.45 19.65
CA ASP B 193 -14.33 28.39 19.41
C ASP B 193 -14.89 26.98 19.48
N SER B 194 -14.09 25.99 19.12
CA SER B 194 -14.54 24.58 19.08
C SER B 194 -14.10 23.76 20.29
N GLY B 195 -13.74 24.45 21.35
CA GLY B 195 -13.24 23.80 22.54
C GLY B 195 -14.33 23.13 23.33
N TYR B 196 -14.01 22.70 24.55
CA TYR B 196 -15.06 22.23 25.45
C TYR B 196 -14.83 22.62 26.91
N PRO B 197 -15.77 23.40 27.47
CA PRO B 197 -16.92 23.91 26.73
C PRO B 197 -16.51 25.02 25.73
N PRO B 198 -17.26 25.16 24.64
CA PRO B 198 -17.01 26.28 23.74
C PRO B 198 -17.05 27.65 24.46
N LEU B 199 -16.25 28.59 23.95
CA LEU B 199 -16.18 29.93 24.49
C LEU B 199 -16.46 30.98 23.39
N ARG B 200 -16.97 32.14 23.79
CA ARG B 200 -17.65 33.05 22.88
C ARG B 200 -17.11 34.46 23.02
N SER B 201 -17.18 35.24 21.94
CA SER B 201 -16.86 36.66 22.02
C SER B 201 -17.74 37.44 21.11
N SER B 202 -17.93 38.71 21.43
CA SER B 202 -18.63 39.65 20.58
C SER B 202 -17.78 40.88 20.41
N LYS B 203 -17.83 41.44 19.21
CA LYS B 203 -17.26 42.74 18.97
C LYS B 203 -18.34 43.55 18.30
N SER B 204 -18.57 44.73 18.87
CA SER B 204 -19.45 45.72 18.26
C SER B 204 -18.64 46.82 17.64
N PHE B 205 -19.12 47.33 16.53
CA PHE B 205 -18.48 48.46 15.87
C PHE B 205 -19.40 49.00 14.80
N ALA B 206 -19.05 50.15 14.25
CA ALA B 206 -19.96 50.80 13.35
C ALA B 206 -19.38 50.93 11.97
N VAL B 207 -20.27 51.01 11.00
CA VAL B 207 -19.90 51.35 9.64
C VAL B 207 -20.44 52.74 9.34
N LYS B 208 -19.56 53.72 9.14
CA LYS B 208 -20.00 54.98 8.56
C LYS B 208 -20.14 54.92 7.04
N VAL B 209 -21.25 55.43 6.54
CA VAL B 209 -21.46 55.59 5.10
C VAL B 209 -21.13 57.02 4.64
N THR B 210 -20.03 57.19 3.90
CA THR B 210 -19.60 58.52 3.48
C THR B 210 -20.23 58.92 2.16
N ASP B 211 -20.25 60.25 1.95
CA ASP B 211 -20.59 60.93 0.68
C ASP B 211 -21.24 60.11 -0.42
N PRO C 2 14.84 -37.96 -44.90
CA PRO C 2 13.61 -37.16 -44.83
C PRO C 2 13.90 -35.67 -44.92
N VAL C 3 12.97 -34.92 -45.49
CA VAL C 3 13.00 -33.47 -45.39
C VAL C 3 11.55 -33.06 -45.22
N PHE C 4 11.24 -32.31 -44.16
CA PHE C 4 9.93 -31.70 -44.01
C PHE C 4 9.73 -30.63 -45.06
N ASP C 5 8.50 -30.48 -45.54
CA ASP C 5 8.15 -29.50 -46.56
C ASP C 5 8.57 -28.09 -46.18
N GLU C 6 8.45 -27.77 -44.90
CA GLU C 6 8.81 -26.45 -44.43
C GLU C 6 9.57 -26.65 -43.14
N PRO C 7 10.48 -25.74 -42.82
CA PRO C 7 11.24 -25.84 -41.57
C PRO C 7 10.48 -25.34 -40.33
N VAL C 8 9.44 -24.55 -40.53
CA VAL C 8 8.69 -23.88 -39.45
C VAL C 8 7.30 -23.71 -40.03
N TYR C 9 6.32 -24.20 -39.29
CA TYR C 9 4.95 -24.07 -39.70
C TYR C 9 4.27 -23.21 -38.68
N THR C 10 3.14 -22.63 -39.05
CA THR C 10 2.43 -21.79 -38.12
C THR C 10 1.00 -22.10 -38.29
N VAL C 11 0.28 -22.09 -37.20
CA VAL C 11 -1.07 -22.64 -37.21
C VAL C 11 -1.90 -22.06 -36.09
N ASN C 12 -3.16 -21.87 -36.41
CA ASN C 12 -4.05 -21.05 -35.61
C ASN C 12 -5.18 -21.93 -35.23
N VAL C 13 -5.36 -22.18 -33.93
CA VAL C 13 -6.26 -23.24 -33.43
C VAL C 13 -7.03 -22.62 -32.29
N LEU C 14 -8.35 -22.78 -32.33
CA LEU C 14 -9.21 -22.05 -31.43
C LEU C 14 -9.03 -22.55 -29.99
N GLU C 15 -8.98 -21.63 -29.05
CA GLU C 15 -9.13 -21.98 -27.63
C GLU C 15 -10.27 -22.98 -27.46
N ASN C 16 -10.08 -23.99 -26.62
CA ASN C 16 -11.14 -24.95 -26.29
C ASN C 16 -11.61 -25.84 -27.44
N SER C 17 -10.80 -25.97 -28.48
CA SER C 17 -11.11 -26.86 -29.58
C SER C 17 -11.37 -28.27 -29.06
N PRO C 18 -12.32 -28.97 -29.67
CA PRO C 18 -12.60 -30.36 -29.23
C PRO C 18 -11.41 -31.28 -29.38
N ILE C 19 -11.25 -32.20 -28.44
CA ILE C 19 -10.30 -33.30 -28.58
C ILE C 19 -10.33 -33.91 -29.99
N ASN C 20 -9.15 -34.27 -30.48
CA ASN C 20 -8.96 -34.76 -31.84
C ASN C 20 -9.10 -33.79 -32.99
N THR C 21 -9.34 -32.51 -32.72
CA THR C 21 -9.28 -31.53 -33.77
C THR C 21 -7.90 -31.64 -34.44
N LEU C 22 -7.90 -31.66 -35.76
CA LEU C 22 -6.67 -31.63 -36.53
C LEU C 22 -5.93 -30.30 -36.36
N VAL C 23 -4.65 -30.37 -36.00
CA VAL C 23 -3.72 -29.23 -36.03
C VAL C 23 -3.00 -29.17 -37.39
N ILE C 24 -2.16 -30.16 -37.65
CA ILE C 24 -1.50 -30.31 -38.94
C ILE C 24 -1.26 -31.76 -39.41
N ASP C 25 -1.27 -31.95 -40.72
CA ASP C 25 -0.64 -33.13 -41.32
C ASP C 25 0.76 -32.83 -41.84
N LEU C 26 1.76 -33.35 -41.16
CA LEU C 26 3.14 -33.11 -41.55
C LEU C 26 3.60 -34.14 -42.52
N ASN C 27 4.40 -33.73 -43.48
CA ASN C 27 5.03 -34.66 -44.39
C ASN C 27 6.55 -34.52 -44.48
N ALA C 28 7.28 -35.60 -44.23
CA ALA C 28 8.72 -35.63 -44.47
C ALA C 28 9.23 -36.56 -45.60
N THR C 29 8.35 -37.36 -46.20
CA THR C 29 8.79 -38.41 -47.16
C THR C 29 7.96 -38.40 -48.43
N ASP C 30 8.57 -38.85 -49.53
CA ASP C 30 7.85 -38.99 -50.79
C ASP C 30 6.98 -40.24 -50.69
N PRO C 31 5.68 -40.10 -51.05
CA PRO C 31 4.81 -41.28 -51.19
C PRO C 31 5.01 -41.98 -52.53
N ASP C 32 6.21 -41.84 -53.12
CA ASP C 32 6.64 -42.67 -54.25
C ASP C 32 7.71 -43.68 -53.75
N GLU C 33 7.28 -44.69 -52.99
CA GLU C 33 5.87 -45.09 -52.88
C GLU C 33 5.48 -45.42 -51.42
N GLY C 34 5.75 -44.48 -50.51
CA GLY C 34 5.47 -44.68 -49.09
C GLY C 34 6.61 -45.42 -48.41
N THR C 35 6.45 -46.75 -48.26
CA THR C 35 7.59 -47.65 -48.00
C THR C 35 8.23 -48.06 -49.35
N ASN C 36 9.48 -47.66 -49.58
CA ASN C 36 10.50 -47.49 -48.55
C ASN C 36 10.81 -46.01 -48.28
N GLY C 37 10.64 -45.54 -47.05
CA GLY C 37 10.93 -46.32 -45.83
C GLY C 37 9.88 -46.22 -44.72
N GLU C 38 10.13 -46.96 -43.65
CA GLU C 38 9.35 -46.87 -42.42
C GLU C 38 9.90 -45.71 -41.58
N VAL C 39 9.28 -44.54 -41.74
CA VAL C 39 9.69 -43.32 -41.05
C VAL C 39 8.80 -43.07 -39.84
N VAL C 40 9.43 -42.72 -38.73
CA VAL C 40 8.74 -42.44 -37.50
C VAL C 40 8.80 -40.92 -37.18
N TYR C 41 7.62 -40.32 -37.13
CA TYR C 41 7.40 -38.97 -36.64
C TYR C 41 7.23 -38.95 -35.13
N SER C 42 8.04 -38.15 -34.46
CA SER C 42 7.91 -37.93 -33.02
C SER C 42 8.21 -36.49 -32.60
N PHE C 43 7.75 -36.13 -31.42
CA PHE C 43 8.13 -34.90 -30.76
C PHE C 43 9.51 -35.04 -30.19
N ILE C 44 10.32 -33.97 -30.25
CA ILE C 44 11.63 -34.06 -29.65
C ILE C 44 11.85 -33.14 -28.47
N ASN C 45 12.11 -31.88 -28.67
CA ASN C 45 12.73 -31.13 -27.56
C ASN C 45 11.73 -30.58 -26.56
N PHE C 46 11.85 -31.00 -25.32
CA PHE C 46 10.96 -30.52 -24.27
C PHE C 46 10.97 -29.00 -24.14
N VAL C 47 9.80 -28.37 -24.27
CA VAL C 47 9.67 -26.95 -23.91
C VAL C 47 8.77 -26.80 -22.66
N SER C 48 7.53 -27.28 -22.75
CA SER C 48 6.63 -27.27 -21.59
C SER C 48 5.88 -28.61 -21.35
N ASN C 49 5.59 -28.88 -20.08
CA ASN C 49 4.79 -30.04 -19.67
C ASN C 49 3.40 -29.89 -20.21
N LEU C 50 2.92 -28.67 -20.16
CA LEU C 50 1.68 -28.29 -20.79
C LEU C 50 1.58 -28.70 -22.25
N THR C 51 2.54 -28.27 -23.05
CA THR C 51 2.57 -28.57 -24.48
C THR C 51 2.60 -30.09 -24.70
N LYS C 52 3.47 -30.75 -23.94
CA LYS C 52 3.54 -32.21 -23.97
C LYS C 52 2.18 -32.87 -23.82
N GLN C 53 1.31 -32.34 -22.99
CA GLN C 53 -0.01 -32.97 -22.83
C GLN C 53 -1.15 -32.44 -23.73
N MET C 54 -0.98 -31.29 -24.40
CA MET C 54 -2.02 -30.76 -25.28
C MET C 54 -2.12 -31.42 -26.65
N PHE C 55 -1.04 -32.02 -27.14
CA PHE C 55 -1.03 -32.48 -28.52
C PHE C 55 -0.62 -33.93 -28.59
N LYS C 56 -1.13 -34.63 -29.58
CA LYS C 56 -0.54 -35.88 -29.92
C LYS C 56 -0.26 -35.98 -31.39
N ILE C 57 0.60 -36.94 -31.70
CA ILE C 57 1.10 -37.09 -33.04
C ILE C 57 1.15 -38.56 -33.44
N ASP C 58 0.76 -38.81 -34.67
CA ASP C 58 0.61 -40.16 -35.16
C ASP C 58 1.96 -40.57 -35.74
N PRO C 59 2.53 -41.67 -35.24
CA PRO C 59 3.93 -41.95 -35.54
C PRO C 59 4.18 -42.22 -37.02
N LYS C 60 3.18 -42.77 -37.72
CA LYS C 60 3.33 -43.15 -39.11
C LYS C 60 2.93 -42.04 -40.09
N THR C 61 1.83 -41.34 -39.80
CA THR C 61 1.27 -40.32 -40.71
C THR C 61 1.84 -38.90 -40.50
N GLY C 62 2.25 -38.62 -39.27
CA GLY C 62 2.72 -37.31 -38.87
C GLY C 62 1.65 -36.25 -38.68
N VAL C 63 0.48 -36.67 -38.20
CA VAL C 63 -0.65 -35.79 -38.02
C VAL C 63 -0.63 -35.34 -36.57
N ILE C 64 -0.62 -34.03 -36.31
CA ILE C 64 -0.71 -33.59 -34.94
C ILE C 64 -2.17 -33.24 -34.67
N THR C 65 -2.69 -33.65 -33.52
CA THR C 65 -4.07 -33.28 -33.17
C THR C 65 -4.12 -32.73 -31.76
N VAL C 66 -5.27 -32.18 -31.40
CA VAL C 66 -5.48 -31.74 -30.06
C VAL C 66 -5.78 -32.91 -29.12
N ASN C 67 -5.13 -32.90 -27.96
CA ASN C 67 -5.29 -33.94 -26.96
C ASN C 67 -5.65 -33.33 -25.61
N GLY C 68 -5.77 -32.01 -25.51
CA GLY C 68 -6.03 -31.39 -24.22
C GLY C 68 -7.16 -30.41 -24.35
N VAL C 69 -7.54 -29.79 -23.24
CA VAL C 69 -8.21 -28.50 -23.32
C VAL C 69 -7.17 -27.42 -23.50
N LEU C 70 -7.28 -26.72 -24.62
CA LEU C 70 -6.42 -25.61 -24.94
C LEU C 70 -7.00 -24.34 -24.39
N ASP C 71 -6.21 -23.67 -23.57
CA ASP C 71 -6.67 -22.49 -22.88
C ASP C 71 -5.74 -21.35 -23.19
N HIS C 72 -6.25 -20.32 -23.82
CA HIS C 72 -5.42 -19.22 -24.18
C HIS C 72 -4.90 -18.50 -22.93
N GLU C 73 -5.59 -18.70 -21.81
CA GLU C 73 -5.24 -18.02 -20.59
C GLU C 73 -4.13 -18.77 -19.87
N GLU C 74 -3.92 -20.02 -20.26
CA GLU C 74 -2.78 -20.81 -19.79
C GLU C 74 -1.51 -20.55 -20.61
N LEU C 75 -1.63 -20.48 -21.93
CA LEU C 75 -0.47 -20.26 -22.83
C LEU C 75 -0.95 -19.83 -24.19
N HIS C 76 -0.32 -18.80 -24.78
CA HIS C 76 -0.81 -18.24 -26.03
C HIS C 76 -0.26 -19.00 -27.23
N ILE C 77 1.02 -19.34 -27.17
CA ILE C 77 1.73 -19.94 -28.31
C ILE C 77 2.52 -21.15 -27.84
N HIS C 78 2.20 -22.33 -28.40
CA HIS C 78 3.02 -23.52 -28.24
C HIS C 78 4.05 -23.69 -29.37
N GLU C 79 5.28 -24.00 -29.00
CA GLU C 79 6.33 -24.61 -29.81
C GLU C 79 6.26 -26.21 -29.76
N ILE C 80 6.05 -26.86 -30.87
CA ILE C 80 6.36 -28.24 -30.94
C ILE C 80 7.52 -28.43 -31.90
N ASP C 81 8.67 -28.88 -31.42
CA ASP C 81 9.65 -29.50 -32.30
C ASP C 81 9.26 -30.93 -32.66
N VAL C 82 9.44 -31.30 -33.92
CA VAL C 82 9.00 -32.61 -34.50
C VAL C 82 10.11 -33.29 -35.31
N GLN C 83 10.29 -34.59 -35.10
CA GLN C 83 11.38 -35.33 -35.77
C GLN C 83 10.80 -36.34 -36.72
N ALA C 84 11.44 -36.56 -37.86
CA ALA C 84 11.24 -37.80 -38.66
C ALA C 84 12.51 -38.64 -38.75
N LYS C 85 12.49 -39.84 -38.20
CA LYS C 85 13.63 -40.76 -38.34
C LYS C 85 13.16 -42.05 -38.96
N ASP C 86 13.72 -42.37 -40.12
CA ASP C 86 13.67 -43.74 -40.62
C ASP C 86 14.16 -44.69 -39.52
N LEU C 87 13.37 -45.73 -39.26
CA LEU C 87 13.83 -46.79 -38.38
C LEU C 87 15.05 -47.43 -39.05
N GLY C 88 16.06 -47.75 -38.23
CA GLY C 88 17.36 -48.10 -38.76
C GLY C 88 18.44 -47.87 -37.73
N PRO C 89 19.71 -47.98 -38.15
CA PRO C 89 20.82 -47.84 -37.23
C PRO C 89 21.43 -46.43 -37.24
N ASN C 90 22.07 -46.08 -38.36
CA ASN C 90 22.60 -44.75 -38.59
C ASN C 90 21.74 -44.04 -39.62
N SER C 91 20.46 -43.88 -39.29
CA SER C 91 19.54 -43.08 -40.09
C SER C 91 19.65 -41.60 -39.70
N ILE C 92 19.55 -40.73 -40.70
CA ILE C 92 19.66 -39.28 -40.48
C ILE C 92 18.27 -38.66 -40.23
N PRO C 93 18.08 -38.05 -39.05
CA PRO C 93 16.76 -37.47 -38.77
C PRO C 93 16.55 -36.14 -39.49
N ALA C 94 15.30 -35.81 -39.77
CA ALA C 94 14.97 -34.45 -40.15
C ALA C 94 14.08 -33.92 -39.08
N HIS C 95 13.93 -32.60 -39.04
CA HIS C 95 13.13 -31.94 -38.01
C HIS C 95 12.57 -30.59 -38.51
N CYS C 96 11.50 -30.16 -37.85
CA CYS C 96 10.91 -28.86 -38.11
C CYS C 96 10.37 -28.37 -36.80
N LYS C 97 9.71 -27.23 -36.88
CA LYS C 97 9.07 -26.64 -35.74
C LYS C 97 7.67 -26.21 -36.08
N VAL C 98 6.77 -26.59 -35.20
CA VAL C 98 5.40 -26.28 -35.40
C VAL C 98 5.09 -25.27 -34.35
N ILE C 99 4.53 -24.18 -34.81
CA ILE C 99 4.06 -23.20 -33.89
C ILE C 99 2.55 -23.15 -33.82
N VAL C 100 2.01 -23.13 -32.62
CA VAL C 100 0.58 -23.14 -32.56
C VAL C 100 0.11 -21.94 -31.82
N ASN C 101 -0.73 -21.22 -32.52
CA ASN C 101 -1.18 -19.87 -32.09
C ASN C 101 -2.62 -20.11 -31.74
N VAL C 102 -2.85 -20.15 -30.45
CA VAL C 102 -4.18 -20.33 -29.93
C VAL C 102 -4.96 -19.03 -30.10
N ILE C 103 -6.06 -19.08 -30.83
CA ILE C 103 -6.99 -18.00 -30.96
C ILE C 103 -7.85 -17.89 -29.70
N ASP C 104 -7.76 -16.75 -29.03
CA ASP C 104 -8.56 -16.43 -27.85
C ASP C 104 -10.03 -16.25 -28.20
N ILE C 105 -10.87 -16.83 -27.40
CA ILE C 105 -12.23 -16.42 -27.36
C ILE C 105 -12.60 -15.80 -26.03
N ASN C 106 -13.78 -15.19 -26.02
CA ASN C 106 -14.32 -14.65 -24.81
C ASN C 106 -14.96 -15.70 -23.89
N ASP C 107 -14.17 -16.40 -23.11
CA ASP C 107 -14.68 -17.39 -22.18
C ASP C 107 -14.45 -16.98 -20.73
N ASN C 108 -14.11 -15.73 -20.48
CA ASN C 108 -14.00 -15.22 -19.13
C ASN C 108 -14.78 -13.91 -18.96
N ALA C 109 -15.41 -13.80 -17.81
CA ALA C 109 -16.28 -12.68 -17.53
C ALA C 109 -15.47 -11.75 -16.63
N PRO C 110 -15.84 -10.47 -16.60
CA PRO C 110 -15.10 -9.55 -15.77
C PRO C 110 -15.12 -9.93 -14.30
N GLU C 111 -13.99 -9.81 -13.63
CA GLU C 111 -13.90 -9.92 -12.17
C GLU C 111 -13.97 -8.55 -11.49
N ILE C 112 -14.80 -8.44 -10.46
CA ILE C 112 -14.85 -7.21 -9.69
C ILE C 112 -14.26 -7.42 -8.31
N LYS C 113 -13.25 -6.63 -7.99
CA LYS C 113 -12.48 -6.79 -6.77
C LYS C 113 -12.50 -5.47 -6.01
N LEU C 114 -13.00 -5.52 -4.78
CA LEU C 114 -12.75 -4.50 -3.77
C LEU C 114 -11.32 -4.53 -3.23
N LEU C 115 -10.68 -3.37 -3.22
CA LEU C 115 -9.51 -3.16 -2.37
C LEU C 115 -9.96 -2.67 -1.00
N SER C 116 -10.09 -3.62 -0.08
CA SER C 116 -10.45 -3.35 1.30
C SER C 116 -9.92 -4.48 2.18
N GLU C 117 -9.95 -4.30 3.49
CA GLU C 117 -9.73 -5.42 4.41
C GLU C 117 -10.86 -6.44 4.30
N ASN C 118 -12.09 -5.98 4.45
CA ASN C 118 -13.28 -6.81 4.28
C ASN C 118 -13.77 -6.76 2.81
N SER C 119 -14.14 -7.91 2.27
CA SER C 119 -14.97 -7.97 1.05
C SER C 119 -16.44 -7.81 1.43
N GLU C 120 -17.27 -7.46 0.45
CA GLU C 120 -18.70 -7.19 0.65
C GLU C 120 -19.13 -6.43 1.92
N MET C 121 -18.21 -5.64 2.50
CA MET C 121 -18.48 -4.94 3.77
C MET C 121 -17.38 -3.91 4.08
N VAL C 122 -17.42 -2.81 3.34
CA VAL C 122 -16.58 -1.65 3.62
C VAL C 122 -17.40 -0.70 4.51
N GLU C 123 -16.74 0.28 5.15
CA GLU C 123 -17.45 1.26 5.98
C GLU C 123 -16.91 2.70 5.91
N VAL C 124 -17.77 3.66 6.23
CA VAL C 124 -17.42 5.07 6.19
C VAL C 124 -18.23 5.81 7.25
N SER C 125 -17.65 6.84 7.85
CA SER C 125 -18.40 7.68 8.80
C SER C 125 -19.28 8.70 8.08
N GLU C 126 -20.57 8.73 8.47
CA GLU C 126 -21.36 9.95 8.35
C GLU C 126 -20.48 11.10 8.81
N ASN C 127 -20.74 12.30 8.30
CA ASN C 127 -19.83 13.42 8.52
C ASN C 127 -18.47 13.14 7.85
N ALA C 128 -18.48 12.30 6.82
CA ALA C 128 -17.35 12.22 5.92
C ALA C 128 -17.66 13.00 4.65
N PRO C 129 -16.76 13.90 4.22
CA PRO C 129 -17.04 14.91 3.17
C PRO C 129 -17.27 14.33 1.77
N LEU C 130 -17.84 15.14 0.87
CA LEU C 130 -17.96 14.79 -0.54
C LEU C 130 -16.58 14.54 -1.17
N GLY C 131 -16.51 13.53 -2.03
CA GLY C 131 -15.26 13.13 -2.66
C GLY C 131 -14.41 12.18 -1.83
N TYR C 132 -14.86 11.87 -0.61
CA TYR C 132 -14.04 11.03 0.28
C TYR C 132 -13.99 9.59 -0.21
N VAL C 133 -12.79 9.04 -0.28
CA VAL C 133 -12.55 7.78 -0.94
C VAL C 133 -12.72 6.61 0.02
N ILE C 134 -13.83 5.88 -0.13
CA ILE C 134 -14.14 4.76 0.76
C ILE C 134 -13.25 3.56 0.44
N ALA C 135 -13.10 3.27 -0.85
CA ALA C 135 -12.41 2.06 -1.31
C ALA C 135 -12.00 2.23 -2.76
N LEU C 136 -11.07 1.38 -3.22
CA LEU C 136 -10.85 1.22 -4.67
C LEU C 136 -11.50 -0.05 -5.21
N VAL C 137 -12.06 0.03 -6.42
CA VAL C 137 -12.39 -1.20 -7.14
C VAL C 137 -11.47 -1.40 -8.32
N ARG C 138 -11.01 -2.64 -8.44
CA ARG C 138 -10.21 -3.03 -9.60
C ARG C 138 -11.01 -4.02 -10.37
N VAL C 139 -11.01 -3.86 -11.68
CA VAL C 139 -11.83 -4.68 -12.53
C VAL C 139 -11.00 -5.30 -13.61
N SER C 140 -11.01 -6.63 -13.65
CA SER C 140 -10.10 -7.37 -14.52
C SER C 140 -10.86 -8.40 -15.35
N ASP C 141 -10.29 -8.79 -16.47
CA ASP C 141 -10.85 -9.84 -17.29
C ASP C 141 -9.70 -10.59 -17.93
N ASN C 142 -9.69 -11.90 -17.84
CA ASN C 142 -8.53 -12.65 -18.20
C ASN C 142 -8.36 -12.91 -19.66
N ASP C 143 -9.28 -12.45 -20.49
CA ASP C 143 -9.14 -12.60 -21.93
C ASP C 143 -8.24 -11.54 -22.47
N SER C 144 -7.94 -11.63 -23.76
CA SER C 144 -6.98 -10.76 -24.41
C SER C 144 -7.74 -9.85 -25.33
N GLY C 145 -7.16 -8.71 -25.66
CA GLY C 145 -7.79 -7.80 -26.61
C GLY C 145 -9.10 -7.22 -26.12
N ALA C 146 -9.97 -6.92 -27.07
CA ALA C 146 -11.31 -6.48 -26.76
C ALA C 146 -12.02 -7.45 -25.82
N ASN C 147 -11.81 -8.75 -26.00
CA ASN C 147 -12.35 -9.70 -25.04
C ASN C 147 -12.10 -9.41 -23.56
N GLY C 148 -10.99 -8.72 -23.27
CA GLY C 148 -10.63 -8.35 -21.92
C GLY C 148 -10.65 -6.86 -21.58
N LYS C 149 -11.08 -5.99 -22.49
CA LYS C 149 -11.32 -4.59 -22.14
C LYS C 149 -12.69 -4.50 -21.50
N VAL C 150 -12.73 -3.82 -20.35
CA VAL C 150 -13.84 -3.84 -19.43
C VAL C 150 -14.33 -2.44 -19.09
N GLN C 151 -15.54 -2.35 -18.58
CA GLN C 151 -16.22 -1.09 -18.46
C GLN C 151 -17.25 -1.31 -17.38
N CYS C 152 -17.30 -0.42 -16.39
CA CYS C 152 -18.11 -0.68 -15.22
C CYS C 152 -18.79 0.56 -14.66
N ARG C 153 -19.74 0.34 -13.75
CA ARG C 153 -20.57 1.42 -13.28
C ARG C 153 -21.36 0.96 -12.12
N LEU C 154 -21.61 1.87 -11.16
CA LEU C 154 -22.57 1.61 -10.08
C LEU C 154 -23.97 1.44 -10.66
N GLN C 155 -24.72 0.47 -10.15
CA GLN C 155 -26.19 0.53 -10.17
C GLN C 155 -26.74 1.07 -8.87
N GLY C 156 -27.97 1.59 -8.92
CA GLY C 156 -28.67 2.12 -7.75
C GLY C 156 -28.62 3.64 -7.64
N ASN C 157 -29.76 4.23 -7.27
CA ASN C 157 -29.78 5.58 -6.71
C ASN C 157 -29.27 5.57 -5.28
N VAL C 158 -28.13 6.22 -5.09
CA VAL C 158 -27.30 5.97 -3.93
C VAL C 158 -26.30 7.15 -3.79
N PRO C 159 -25.94 7.54 -2.54
CA PRO C 159 -25.03 8.67 -2.33
C PRO C 159 -23.54 8.29 -2.47
N PHE C 160 -23.21 7.60 -3.58
CA PHE C 160 -21.84 7.26 -3.91
C PHE C 160 -21.63 7.34 -5.41
N ARG C 161 -20.38 7.49 -5.83
CA ARG C 161 -20.05 7.43 -7.23
C ARG C 161 -18.73 6.74 -7.51
N LEU C 162 -18.59 6.14 -8.69
CA LEU C 162 -17.35 5.46 -9.08
C LEU C 162 -16.57 6.34 -10.03
N ASN C 163 -15.37 6.72 -9.62
CA ASN C 163 -14.52 7.58 -10.44
C ASN C 163 -13.51 6.72 -11.19
N GLU C 164 -13.76 6.52 -12.49
CA GLU C 164 -12.93 5.64 -13.32
C GLU C 164 -11.60 6.31 -13.69
N PHE C 165 -10.48 5.73 -13.23
CA PHE C 165 -9.16 6.07 -13.74
C PHE C 165 -8.67 4.93 -14.66
N GLU C 166 -7.41 4.99 -15.07
CA GLU C 166 -6.87 4.08 -16.10
C GLU C 166 -6.86 2.60 -15.67
N SER C 167 -6.42 2.36 -14.43
CA SER C 167 -6.09 1.02 -13.92
C SER C 167 -6.93 0.60 -12.71
N PHE C 168 -7.59 1.58 -12.09
CA PHE C 168 -8.47 1.31 -10.97
C PHE C 168 -9.67 2.24 -11.08
N SER C 169 -10.68 1.93 -10.30
CA SER C 169 -11.81 2.82 -10.16
C SER C 169 -11.87 3.19 -8.68
N THR C 170 -12.32 4.40 -8.39
CA THR C 170 -12.43 4.80 -6.99
C THR C 170 -13.86 5.08 -6.54
N LEU C 171 -14.21 4.47 -5.40
CA LEU C 171 -15.55 4.55 -4.85
C LEU C 171 -15.61 5.58 -3.74
N LEU C 172 -16.47 6.59 -3.90
CA LEU C 172 -16.41 7.74 -3.01
C LEU C 172 -17.77 8.33 -2.66
N VAL C 173 -17.78 9.24 -1.68
CA VAL C 173 -19.01 9.83 -1.15
C VAL C 173 -19.57 10.91 -2.10
N ASP C 174 -20.86 10.83 -2.42
CA ASP C 174 -21.53 11.78 -3.31
C ASP C 174 -22.86 12.27 -2.68
N GLY C 175 -22.84 12.61 -1.39
CA GLY C 175 -24.05 13.13 -0.72
C GLY C 175 -24.00 13.20 0.79
N ARG C 176 -25.08 13.73 1.39
CA ARG C 176 -25.23 13.77 2.85
C ARG C 176 -25.54 12.38 3.39
N LEU C 177 -24.95 12.04 4.53
CA LEU C 177 -25.17 10.74 5.20
C LEU C 177 -25.64 10.94 6.64
N ASP C 178 -26.67 10.18 7.04
CA ASP C 178 -27.15 10.18 8.43
C ASP C 178 -27.30 8.73 8.93
N ARG C 179 -26.46 8.33 9.88
CA ARG C 179 -26.47 6.97 10.45
C ARG C 179 -27.80 6.60 11.10
N GLU C 180 -28.52 7.63 11.56
CA GLU C 180 -29.83 7.44 12.18
C GLU C 180 -30.83 6.97 11.10
N GLN C 181 -30.94 7.75 10.04
CA GLN C 181 -31.86 7.46 8.94
C GLN C 181 -31.41 6.27 8.11
N ARG C 182 -30.09 6.17 7.87
CA ARG C 182 -29.53 5.12 6.99
C ARG C 182 -28.20 4.57 7.52
N ASP C 183 -28.21 3.32 7.98
CA ASP C 183 -27.03 2.66 8.58
C ASP C 183 -26.27 1.78 7.57
N MET C 184 -27.01 1.18 6.64
CA MET C 184 -26.39 0.49 5.53
C MET C 184 -26.89 1.00 4.19
N TYR C 185 -26.00 1.05 3.21
CA TYR C 185 -26.41 0.89 1.84
C TYR C 185 -25.91 -0.44 1.30
N ASN C 186 -26.68 -0.98 0.35
CA ASN C 186 -26.18 -2.00 -0.56
C ASN C 186 -25.91 -1.42 -1.93
N LEU C 187 -24.71 -1.66 -2.44
CA LEU C 187 -24.35 -1.21 -3.76
C LEU C 187 -24.09 -2.43 -4.64
N THR C 188 -24.24 -2.23 -5.94
CA THR C 188 -23.74 -3.20 -6.88
C THR C 188 -23.00 -2.52 -8.00
N ILE C 189 -21.93 -3.19 -8.41
CA ILE C 189 -21.15 -2.75 -9.53
C ILE C 189 -21.37 -3.76 -10.63
N LEU C 190 -21.66 -3.22 -11.81
CA LEU C 190 -21.91 -3.96 -13.02
C LEU C 190 -20.70 -3.79 -13.93
N ALA C 191 -20.17 -4.89 -14.45
CA ALA C 191 -19.05 -4.83 -15.37
C ALA C 191 -19.37 -5.61 -16.61
N GLU C 192 -18.93 -5.09 -17.75
CA GLU C 192 -19.11 -5.74 -19.03
C GLU C 192 -17.80 -5.71 -19.82
N ASP C 193 -17.42 -6.81 -20.47
CA ASP C 193 -16.28 -6.74 -21.37
C ASP C 193 -16.67 -6.29 -22.78
N SER C 194 -15.75 -6.34 -23.73
CA SER C 194 -16.06 -5.89 -25.09
C SER C 194 -15.81 -7.02 -26.07
N GLY C 195 -15.96 -8.25 -25.61
CA GLY C 195 -16.20 -9.38 -26.50
C GLY C 195 -17.34 -9.18 -27.48
N TYR C 196 -17.49 -10.15 -28.39
CA TYR C 196 -18.64 -10.17 -29.28
C TYR C 196 -19.13 -11.59 -29.56
N PRO C 197 -20.05 -12.09 -28.74
CA PRO C 197 -20.83 -11.39 -27.72
C PRO C 197 -20.05 -11.10 -26.42
N PRO C 198 -20.55 -10.15 -25.62
CA PRO C 198 -19.80 -9.84 -24.40
C PRO C 198 -20.26 -10.64 -23.21
N LEU C 199 -19.43 -10.63 -22.19
CA LEU C 199 -19.76 -11.22 -20.91
C LEU C 199 -19.73 -10.14 -19.87
N ARG C 200 -20.54 -10.32 -18.84
CA ARG C 200 -20.66 -9.30 -17.79
C ARG C 200 -20.71 -10.00 -16.46
N SER C 201 -20.53 -9.21 -15.40
CA SER C 201 -20.79 -9.68 -14.06
C SER C 201 -21.16 -8.56 -13.09
N SER C 202 -21.61 -8.97 -11.91
CA SER C 202 -22.05 -8.05 -10.88
C SER C 202 -21.45 -8.41 -9.56
N LYS C 203 -21.23 -7.36 -8.77
CA LYS C 203 -20.72 -7.52 -7.42
C LYS C 203 -21.58 -6.69 -6.49
N SER C 204 -22.23 -7.35 -5.54
CA SER C 204 -23.01 -6.68 -4.51
C SER C 204 -22.23 -6.59 -3.22
N PHE C 205 -22.33 -5.45 -2.55
CA PHE C 205 -21.60 -5.27 -1.31
C PHE C 205 -22.15 -4.16 -0.44
N ALA C 206 -21.93 -4.31 0.86
CA ALA C 206 -22.50 -3.43 1.87
C ALA C 206 -21.55 -2.29 2.19
N VAL C 207 -22.10 -1.08 2.19
CA VAL C 207 -21.46 0.06 2.83
C VAL C 207 -22.17 0.35 4.14
N LYS C 208 -21.46 0.12 5.25
CA LYS C 208 -21.97 0.32 6.60
C LYS C 208 -21.61 1.73 7.08
N VAL C 209 -22.61 2.53 7.38
CA VAL C 209 -22.39 3.94 7.69
C VAL C 209 -22.11 4.11 9.18
N THR C 210 -20.86 4.34 9.52
CA THR C 210 -20.42 4.32 10.92
C THR C 210 -20.28 5.74 11.48
N ASP C 211 -19.65 5.85 12.65
CA ASP C 211 -19.62 7.11 13.40
C ASP C 211 -18.21 7.69 13.49
N PRO D 2 -8.21 -0.04 -43.50
CA PRO D 2 -7.07 -0.78 -43.99
C PRO D 2 -7.20 -2.28 -43.77
N VAL D 3 -6.42 -3.05 -44.50
CA VAL D 3 -6.34 -4.47 -44.28
C VAL D 3 -4.88 -4.88 -44.40
N PHE D 4 -4.37 -5.57 -43.39
CA PHE D 4 -3.00 -6.06 -43.43
C PHE D 4 -3.04 -7.21 -44.40
N ASP D 5 -1.98 -7.38 -45.20
CA ASP D 5 -1.90 -8.45 -46.19
C ASP D 5 -2.16 -9.85 -45.62
N GLU D 6 -1.68 -10.08 -44.41
CA GLU D 6 -2.01 -11.29 -43.65
C GLU D 6 -2.56 -10.92 -42.28
N PRO D 7 -3.31 -11.81 -41.68
CA PRO D 7 -3.83 -11.63 -40.31
C PRO D 7 -2.75 -11.94 -39.29
N VAL D 8 -1.81 -12.77 -39.70
CA VAL D 8 -0.79 -13.36 -38.83
C VAL D 8 0.42 -13.61 -39.70
N TYR D 9 1.55 -13.16 -39.19
CA TYR D 9 2.79 -13.33 -39.84
C TYR D 9 3.72 -14.14 -38.94
N THR D 10 4.62 -14.87 -39.58
CA THR D 10 5.67 -15.51 -38.83
C THR D 10 6.98 -15.18 -39.38
N VAL D 11 7.87 -14.84 -38.49
CA VAL D 11 9.23 -14.58 -38.81
C VAL D 11 10.30 -15.25 -37.93
N ASN D 12 11.37 -15.65 -38.57
CA ASN D 12 12.50 -16.26 -37.90
C ASN D 12 13.68 -15.31 -37.84
N VAL D 13 14.17 -15.04 -36.65
CA VAL D 13 15.21 -14.02 -36.45
C VAL D 13 16.24 -14.61 -35.53
N LEU D 14 17.50 -14.56 -35.96
CA LEU D 14 18.62 -14.95 -35.15
C LEU D 14 18.71 -14.21 -33.79
N GLU D 15 18.82 -15.00 -32.74
CA GLU D 15 19.30 -14.52 -31.45
C GLU D 15 20.55 -13.64 -31.64
N ASN D 16 20.65 -12.61 -30.81
CA ASN D 16 21.80 -11.70 -30.75
C ASN D 16 22.03 -10.89 -32.02
N SER D 17 21.04 -10.89 -32.92
CA SER D 17 21.22 -10.22 -34.21
C SER D 17 21.26 -8.67 -34.01
N PRO D 18 22.15 -8.01 -34.75
CA PRO D 18 22.44 -6.58 -34.49
C PRO D 18 21.20 -5.70 -34.49
N ILE D 19 21.26 -4.60 -33.75
CA ILE D 19 20.25 -3.54 -33.78
C ILE D 19 19.97 -3.00 -35.20
N ASN D 20 18.69 -2.65 -35.41
CA ASN D 20 18.17 -2.18 -36.69
C ASN D 20 18.01 -3.23 -37.74
N THR D 21 18.39 -4.46 -37.43
CA THR D 21 18.17 -5.57 -38.34
C THR D 21 16.65 -5.80 -38.57
N LEU D 22 16.28 -6.07 -39.80
CA LEU D 22 14.88 -6.03 -40.16
C LEU D 22 14.14 -7.30 -39.69
N VAL D 23 13.00 -7.10 -39.04
CA VAL D 23 12.09 -8.16 -38.69
C VAL D 23 11.05 -8.35 -39.82
N ILE D 24 10.23 -7.32 -40.02
CA ILE D 24 9.27 -7.28 -41.10
C ILE D 24 8.86 -5.85 -41.55
N ASP D 25 8.43 -5.75 -42.82
CA ASP D 25 7.81 -4.56 -43.38
C ASP D 25 6.34 -4.81 -43.65
N LEU D 26 5.48 -4.28 -42.82
CA LEU D 26 4.08 -4.63 -42.85
C LEU D 26 3.37 -3.72 -43.78
N ASN D 27 2.32 -4.24 -44.42
CA ASN D 27 1.49 -3.42 -45.26
C ASN D 27 0.00 -3.58 -45.01
N ALA D 28 -0.63 -2.44 -44.71
CA ALA D 28 -2.08 -2.33 -44.51
C ALA D 28 -2.85 -1.60 -45.62
N THR D 29 -2.16 -0.89 -46.49
CA THR D 29 -2.86 -0.06 -47.48
C THR D 29 -2.26 -0.15 -48.87
N ASP D 30 -3.03 0.27 -49.87
CA ASP D 30 -2.51 0.50 -51.20
C ASP D 30 -1.82 1.86 -51.26
N PRO D 31 -0.60 1.90 -51.81
CA PRO D 31 0.00 3.19 -52.18
C PRO D 31 -0.94 3.97 -53.10
N ASP D 32 -1.47 5.10 -52.62
CA ASP D 32 -2.27 6.02 -53.45
C ASP D 32 -3.64 5.42 -53.90
N GLU D 33 -4.64 5.52 -53.03
CA GLU D 33 -5.90 4.74 -53.18
C GLU D 33 -7.09 5.33 -52.40
N GLY D 34 -7.02 5.28 -51.06
CA GLY D 34 -8.05 5.88 -50.22
C GLY D 34 -7.72 7.34 -49.96
N THR D 35 -8.73 8.20 -50.10
CA THR D 35 -8.51 9.63 -50.41
C THR D 35 -7.31 10.25 -49.67
N ASN D 36 -7.15 9.91 -48.39
CA ASN D 36 -6.08 10.45 -47.56
C ASN D 36 -5.43 9.39 -46.64
N GLY D 37 -4.66 8.48 -47.24
CA GLY D 37 -3.91 7.47 -46.48
C GLY D 37 -2.71 8.05 -45.74
N GLU D 38 -2.94 8.66 -44.59
CA GLU D 38 -1.90 8.85 -43.57
C GLU D 38 -2.17 7.92 -42.38
N VAL D 39 -1.89 6.64 -42.60
CA VAL D 39 -2.17 5.58 -41.64
C VAL D 39 -1.05 5.52 -40.61
N VAL D 40 -1.43 5.31 -39.35
CA VAL D 40 -0.48 5.00 -38.27
C VAL D 40 -0.44 3.50 -37.92
N TYR D 41 0.76 2.93 -38.12
CA TYR D 41 1.14 1.65 -37.53
C TYR D 41 1.63 1.78 -36.09
N SER D 42 1.11 0.96 -35.20
CA SER D 42 1.52 1.03 -33.80
C SER D 42 1.36 -0.34 -33.15
N PHE D 43 2.10 -0.62 -32.07
CA PHE D 43 1.87 -1.84 -31.24
C PHE D 43 0.69 -1.67 -30.31
N ILE D 44 -0.16 -2.68 -30.21
CA ILE D 44 -1.32 -2.60 -29.33
C ILE D 44 -1.45 -3.79 -28.41
N ASN D 45 -2.51 -3.78 -27.62
CA ASN D 45 -2.77 -4.74 -26.57
C ASN D 45 -1.53 -4.89 -25.73
N PHE D 46 -1.04 -6.11 -25.55
CA PHE D 46 -0.24 -6.40 -24.38
C PHE D 46 0.95 -5.44 -24.33
N VAL D 47 1.62 -5.29 -25.47
CA VAL D 47 2.88 -4.55 -25.59
C VAL D 47 3.71 -4.68 -24.30
N SER D 48 4.35 -5.84 -24.14
CA SER D 48 5.13 -6.18 -22.94
C SER D 48 6.43 -5.37 -22.82
N ASN D 49 7.07 -5.48 -21.66
CA ASN D 49 8.24 -4.65 -21.37
C ASN D 49 9.42 -5.17 -22.18
N LEU D 50 9.50 -6.51 -22.22
CA LEU D 50 10.49 -7.20 -23.06
C LEU D 50 10.28 -6.91 -24.55
N THR D 51 9.05 -6.87 -25.04
CA THR D 51 8.87 -6.73 -26.47
C THR D 51 9.15 -5.33 -26.92
N LYS D 52 8.78 -4.35 -26.08
CA LYS D 52 9.00 -2.95 -26.42
C LYS D 52 10.48 -2.62 -26.39
N GLN D 53 11.24 -3.31 -25.55
CA GLN D 53 12.68 -3.09 -25.57
C GLN D 53 13.39 -3.94 -26.59
N MET D 54 12.66 -4.86 -27.22
CA MET D 54 13.24 -5.69 -28.27
C MET D 54 12.88 -5.24 -29.67
N PHE D 55 11.74 -4.58 -29.82
CA PHE D 55 11.30 -4.19 -31.16
C PHE D 55 10.82 -2.78 -31.20
N LYS D 56 10.91 -2.18 -32.37
CA LYS D 56 10.34 -0.88 -32.57
C LYS D 56 9.67 -0.82 -33.94
N ILE D 57 8.71 0.05 -34.05
CA ILE D 57 7.97 0.13 -35.28
C ILE D 57 7.96 1.56 -35.78
N ASP D 58 8.26 1.71 -37.07
CA ASP D 58 8.07 2.99 -37.75
C ASP D 58 6.59 3.27 -37.99
N PRO D 59 6.05 4.35 -37.36
CA PRO D 59 4.62 4.70 -37.43
C PRO D 59 4.13 4.89 -38.84
N LYS D 60 5.00 5.35 -39.73
CA LYS D 60 4.64 5.55 -41.13
C LYS D 60 4.79 4.31 -42.02
N THR D 61 5.92 3.62 -42.00
CA THR D 61 6.17 2.51 -42.94
C THR D 61 5.65 1.14 -42.50
N GLY D 62 5.36 1.02 -41.21
CA GLY D 62 5.08 -0.27 -40.59
C GLY D 62 6.24 -1.25 -40.62
N VAL D 63 7.46 -0.72 -40.63
CA VAL D 63 8.68 -1.54 -40.56
C VAL D 63 9.12 -1.76 -39.10
N ILE D 64 9.06 -3.04 -38.68
CA ILE D 64 9.49 -3.50 -37.35
C ILE D 64 10.94 -3.93 -37.49
N THR D 65 11.76 -3.48 -36.56
CA THR D 65 13.21 -3.74 -36.56
C THR D 65 13.56 -4.17 -35.13
N VAL D 66 14.76 -4.69 -35.00
CA VAL D 66 15.27 -5.10 -33.70
C VAL D 66 15.84 -3.88 -33.03
N ASN D 67 15.53 -3.74 -31.75
CA ASN D 67 15.88 -2.57 -30.95
C ASN D 67 16.71 -2.96 -29.71
N GLY D 68 17.06 -4.23 -29.62
CA GLY D 68 17.39 -4.85 -28.33
C GLY D 68 18.27 -6.07 -28.57
N VAL D 69 18.63 -6.77 -27.51
CA VAL D 69 19.47 -7.95 -27.65
C VAL D 69 18.59 -9.18 -27.52
N LEU D 70 18.21 -9.78 -28.65
CA LEU D 70 17.32 -10.93 -28.64
C LEU D 70 18.01 -12.17 -28.07
N ASP D 71 17.46 -12.69 -26.97
CA ASP D 71 18.11 -13.77 -26.25
C ASP D 71 17.15 -14.97 -26.19
N HIS D 72 17.47 -15.98 -26.98
CA HIS D 72 16.69 -17.18 -26.97
C HIS D 72 16.47 -17.73 -25.54
N GLU D 73 17.39 -17.46 -24.64
CA GLU D 73 17.23 -18.00 -23.29
C GLU D 73 16.34 -17.12 -22.41
N GLU D 74 16.09 -15.88 -22.84
CA GLU D 74 15.10 -15.01 -22.18
C GLU D 74 13.67 -15.42 -22.61
N LEU D 75 13.43 -15.41 -23.92
CA LEU D 75 12.13 -15.78 -24.48
C LEU D 75 12.33 -16.35 -25.88
N HIS D 76 11.64 -17.46 -26.20
CA HIS D 76 11.79 -18.12 -27.51
C HIS D 76 11.02 -17.39 -28.65
N ILE D 77 9.79 -16.99 -28.37
CA ILE D 77 8.84 -16.57 -29.39
C ILE D 77 8.17 -15.32 -28.83
N HIS D 78 8.43 -14.14 -29.42
CA HIS D 78 7.62 -12.98 -29.16
C HIS D 78 6.34 -12.95 -29.96
N GLU D 79 5.23 -12.56 -29.35
CA GLU D 79 4.06 -12.16 -30.14
C GLU D 79 3.83 -10.68 -30.03
N ILE D 80 3.81 -9.99 -31.15
CA ILE D 80 3.45 -8.57 -31.22
C ILE D 80 2.10 -8.40 -31.89
N ASP D 81 1.15 -7.80 -31.19
CA ASP D 81 -0.11 -7.47 -31.84
C ASP D 81 -0.01 -6.03 -32.40
N VAL D 82 -0.36 -5.88 -33.67
CA VAL D 82 -0.07 -4.65 -34.41
C VAL D 82 -1.32 -4.04 -35.03
N GLN D 83 -1.35 -2.71 -35.01
CA GLN D 83 -2.51 -1.96 -35.52
C GLN D 83 -2.13 -0.96 -36.60
N ALA D 84 -3.11 -0.67 -37.45
CA ALA D 84 -3.02 0.34 -38.48
C ALA D 84 -4.32 1.10 -38.47
N LYS D 85 -4.23 2.42 -38.30
CA LYS D 85 -5.41 3.27 -38.14
C LYS D 85 -5.04 4.68 -38.57
N ASP D 86 -5.83 5.25 -39.48
CA ASP D 86 -5.64 6.65 -39.90
C ASP D 86 -6.02 7.65 -38.81
N LEU D 87 -5.56 8.90 -39.00
CA LEU D 87 -5.80 9.97 -38.03
C LEU D 87 -7.27 10.41 -38.03
N GLY D 88 -7.76 10.72 -36.84
CA GLY D 88 -9.08 11.31 -36.69
C GLY D 88 -10.12 10.25 -36.39
N PRO D 89 -11.04 10.55 -35.47
CA PRO D 89 -11.98 9.55 -34.97
C PRO D 89 -12.93 9.07 -36.06
N ASN D 90 -13.69 8.03 -35.74
CA ASN D 90 -14.54 7.32 -36.71
C ASN D 90 -13.76 6.74 -37.89
N SER D 91 -12.52 6.34 -37.63
CA SER D 91 -11.77 5.49 -38.56
C SER D 91 -11.52 4.10 -37.96
N ILE D 92 -11.86 3.08 -38.74
CA ILE D 92 -11.80 1.71 -38.27
C ILE D 92 -10.35 1.26 -38.29
N PRO D 93 -9.89 0.62 -37.21
CA PRO D 93 -8.53 0.12 -37.28
C PRO D 93 -8.45 -1.28 -37.88
N ALA D 94 -7.31 -1.59 -38.45
CA ALA D 94 -7.02 -2.97 -38.89
C ALA D 94 -6.01 -3.55 -37.92
N HIS D 95 -6.05 -4.87 -37.73
CA HIS D 95 -5.02 -5.50 -36.93
C HIS D 95 -4.42 -6.79 -37.48
N CYS D 96 -3.20 -7.09 -37.03
CA CYS D 96 -2.60 -8.38 -37.26
C CYS D 96 -1.73 -8.80 -36.11
N LYS D 97 -1.10 -9.96 -36.24
CA LYS D 97 -0.25 -10.44 -35.17
C LYS D 97 1.08 -10.90 -35.72
N VAL D 98 2.15 -10.41 -35.13
CA VAL D 98 3.43 -10.81 -35.64
C VAL D 98 4.06 -11.77 -34.69
N ILE D 99 4.51 -12.88 -35.22
CA ILE D 99 5.13 -13.82 -34.35
C ILE D 99 6.60 -13.92 -34.70
N VAL D 100 7.47 -13.76 -33.71
CA VAL D 100 8.91 -13.78 -33.98
C VAL D 100 9.53 -14.97 -33.34
N ASN D 101 9.83 -15.94 -34.16
CA ASN D 101 10.52 -17.17 -33.73
C ASN D 101 12.02 -16.86 -33.61
N VAL D 102 12.51 -16.83 -32.39
CA VAL D 102 13.90 -16.51 -32.16
C VAL D 102 14.71 -17.76 -32.37
N ILE D 103 15.70 -17.68 -33.24
CA ILE D 103 16.44 -18.86 -33.67
C ILE D 103 17.67 -19.06 -32.80
N ASP D 104 17.75 -20.21 -32.13
CA ASP D 104 18.72 -20.35 -31.06
C ASP D 104 20.11 -20.53 -31.64
N ILE D 105 21.08 -19.79 -31.12
CA ILE D 105 22.47 -20.14 -31.30
C ILE D 105 23.16 -20.62 -30.02
N ASN D 106 24.28 -21.28 -30.25
CA ASN D 106 25.00 -21.87 -29.20
C ASN D 106 25.87 -20.86 -28.59
N ASP D 107 25.37 -20.18 -27.59
CA ASP D 107 26.10 -19.09 -26.96
C ASP D 107 26.15 -19.29 -25.44
N ASN D 108 25.90 -20.53 -25.01
CA ASN D 108 26.10 -20.93 -23.60
C ASN D 108 26.88 -22.21 -23.49
N ALA D 109 27.86 -22.19 -22.61
CA ALA D 109 28.60 -23.40 -22.29
C ALA D 109 27.88 -24.16 -21.21
N PRO D 110 28.11 -25.47 -21.16
CA PRO D 110 27.63 -26.32 -20.05
C PRO D 110 28.02 -25.82 -18.65
N GLU D 111 27.06 -25.69 -17.73
CA GLU D 111 27.32 -25.62 -16.29
C GLU D 111 27.32 -27.04 -15.67
N ILE D 112 28.23 -27.26 -14.75
CA ILE D 112 28.38 -28.52 -14.04
C ILE D 112 28.19 -28.23 -12.56
N LYS D 113 27.15 -28.80 -11.95
CA LYS D 113 26.90 -28.60 -10.53
C LYS D 113 27.10 -29.92 -9.75
N LEU D 114 27.73 -29.82 -8.59
CA LEU D 114 27.83 -30.94 -7.68
C LEU D 114 26.83 -30.81 -6.51
N LEU D 115 25.92 -31.76 -6.38
CA LEU D 115 24.97 -31.69 -5.26
C LEU D 115 25.30 -32.71 -4.15
N SER D 116 25.72 -32.17 -3.01
CA SER D 116 25.80 -32.91 -1.76
C SER D 116 25.66 -31.98 -0.56
N GLU D 117 26.61 -31.05 -0.41
CA GLU D 117 26.68 -30.13 0.75
C GLU D 117 27.41 -28.79 0.47
N ASN D 118 28.54 -28.85 -0.23
CA ASN D 118 29.17 -27.66 -0.82
C ASN D 118 29.41 -27.84 -2.31
N SER D 119 29.65 -26.72 -3.00
CA SER D 119 30.11 -26.74 -4.39
C SER D 119 31.51 -27.38 -4.48
N GLU D 120 32.44 -26.89 -3.68
CA GLU D 120 33.86 -27.28 -3.77
C GLU D 120 34.24 -28.39 -2.80
N MET D 121 33.66 -28.35 -1.60
CA MET D 121 34.04 -29.29 -0.54
C MET D 121 33.09 -30.49 -0.38
N VAL D 122 33.60 -31.66 -0.73
CA VAL D 122 32.89 -32.92 -0.56
C VAL D 122 33.73 -33.85 0.31
N GLU D 123 33.10 -34.60 1.21
CA GLU D 123 33.85 -35.46 2.15
C GLU D 123 33.49 -36.93 2.01
N VAL D 124 34.46 -37.80 2.30
CA VAL D 124 34.21 -39.24 2.26
C VAL D 124 35.05 -39.99 3.30
N SER D 125 34.42 -40.95 3.98
CA SER D 125 35.16 -41.87 4.83
C SER D 125 36.10 -42.74 4.02
N GLU D 126 37.33 -42.92 4.54
CA GLU D 126 38.28 -43.88 3.99
C GLU D 126 37.68 -45.29 3.94
N ASN D 127 36.77 -45.56 4.88
CA ASN D 127 36.10 -46.86 4.99
C ASN D 127 35.11 -47.14 3.87
N ALA D 128 34.75 -46.10 3.14
CA ALA D 128 33.54 -46.15 2.34
C ALA D 128 33.72 -47.14 1.18
N PRO D 129 32.72 -47.98 0.94
CA PRO D 129 32.85 -49.09 0.00
C PRO D 129 33.13 -48.65 -1.43
N LEU D 130 33.57 -49.59 -2.26
CA LEU D 130 33.40 -49.50 -3.72
C LEU D 130 31.96 -49.22 -4.13
N GLY D 131 31.78 -48.26 -5.06
CA GLY D 131 30.50 -48.01 -5.74
C GLY D 131 29.59 -47.11 -4.92
N TYR D 132 30.14 -46.57 -3.83
CA TYR D 132 29.41 -45.68 -2.95
C TYR D 132 29.34 -44.29 -3.56
N VAL D 133 28.15 -43.69 -3.53
CA VAL D 133 27.94 -42.40 -4.14
C VAL D 133 28.23 -41.23 -3.20
N ILE D 134 28.98 -40.27 -3.72
CA ILE D 134 29.44 -39.15 -2.94
C ILE D 134 28.69 -37.89 -3.32
N ALA D 135 28.15 -37.85 -4.55
CA ALA D 135 27.59 -36.62 -5.15
C ALA D 135 26.69 -36.95 -6.31
N LEU D 136 25.55 -36.30 -6.33
CA LEU D 136 24.81 -36.04 -7.57
C LEU D 136 25.61 -35.10 -8.50
N VAL D 137 25.87 -35.52 -9.73
CA VAL D 137 26.35 -34.58 -10.75
C VAL D 137 25.26 -34.07 -11.68
N ARG D 138 25.02 -32.76 -11.68
CA ARG D 138 24.11 -32.16 -12.67
C ARG D 138 24.85 -31.39 -13.74
N VAL D 139 24.58 -31.72 -15.00
CA VAL D 139 25.17 -30.96 -16.07
C VAL D 139 24.10 -30.34 -16.92
N SER D 140 24.04 -29.02 -16.90
CA SER D 140 23.01 -28.30 -17.63
C SER D 140 23.60 -27.43 -18.75
N ASP D 141 22.73 -26.92 -19.60
CA ASP D 141 23.08 -26.03 -20.67
C ASP D 141 21.82 -25.29 -21.08
N ASN D 142 21.91 -23.98 -20.96
CA ASN D 142 20.80 -23.11 -21.20
C ASN D 142 20.33 -23.01 -22.63
N ASP D 143 21.11 -23.49 -23.61
CA ASP D 143 20.69 -23.45 -25.04
C ASP D 143 19.72 -24.59 -25.33
N SER D 144 19.33 -24.77 -26.58
CA SER D 144 18.21 -25.65 -26.94
C SER D 144 18.64 -26.65 -27.99
N GLY D 145 17.86 -27.71 -28.15
CA GLY D 145 18.24 -28.78 -29.05
C GLY D 145 19.64 -29.33 -28.84
N ALA D 146 20.33 -29.61 -29.94
CA ALA D 146 21.70 -30.13 -29.87
C ALA D 146 22.64 -29.16 -29.11
N ASN D 147 22.41 -27.85 -29.26
CA ASN D 147 23.17 -26.84 -28.52
C ASN D 147 23.18 -27.02 -27.01
N GLY D 148 22.21 -27.80 -26.51
CA GLY D 148 21.98 -27.99 -25.07
C GLY D 148 22.15 -29.41 -24.53
N LYS D 149 22.40 -30.38 -25.42
CA LYS D 149 22.77 -31.74 -25.03
C LYS D 149 24.24 -31.82 -24.63
N VAL D 150 24.50 -32.21 -23.40
CA VAL D 150 25.86 -32.30 -22.94
C VAL D 150 26.33 -33.71 -22.58
N GLN D 151 27.63 -33.84 -22.39
CA GLN D 151 28.33 -35.11 -22.33
C GLN D 151 29.39 -34.81 -21.31
N CYS D 152 29.73 -35.73 -20.41
CA CYS D 152 30.83 -35.40 -19.53
C CYS D 152 31.65 -36.56 -19.04
N ARG D 153 32.63 -36.26 -18.21
CA ARG D 153 33.79 -37.11 -18.03
C ARG D 153 34.46 -36.56 -16.82
N LEU D 154 34.91 -37.48 -15.98
CA LEU D 154 35.95 -37.20 -15.03
C LEU D 154 37.20 -37.18 -15.84
N GLN D 155 38.20 -36.45 -15.40
CA GLN D 155 39.48 -36.47 -16.09
C GLN D 155 40.63 -36.37 -15.10
N GLY D 156 41.76 -36.99 -15.43
CA GLY D 156 42.82 -37.30 -14.45
C GLY D 156 42.63 -38.69 -13.84
N ASN D 157 43.67 -39.20 -13.19
CA ASN D 157 43.66 -40.57 -12.69
C ASN D 157 43.42 -40.64 -11.18
N VAL D 158 42.24 -41.12 -10.81
CA VAL D 158 41.79 -41.06 -9.43
C VAL D 158 40.92 -42.26 -9.10
N PRO D 159 40.72 -42.49 -7.80
CA PRO D 159 39.90 -43.60 -7.35
C PRO D 159 38.42 -43.25 -7.38
N PHE D 160 38.00 -42.50 -8.40
CA PHE D 160 36.60 -42.13 -8.54
C PHE D 160 36.11 -42.40 -9.95
N ARG D 161 34.82 -42.19 -10.15
CA ARG D 161 34.14 -42.66 -11.33
C ARG D 161 32.79 -41.96 -11.43
N LEU D 162 32.55 -41.38 -12.60
CA LEU D 162 31.26 -40.86 -13.03
C LEU D 162 30.43 -41.94 -13.77
N ASN D 163 29.21 -42.20 -13.30
CA ASN D 163 28.31 -43.10 -14.02
C ASN D 163 27.17 -42.30 -14.64
N GLU D 164 27.03 -42.32 -15.96
CA GLU D 164 25.97 -41.55 -16.60
C GLU D 164 24.67 -42.36 -16.55
N PHE D 165 23.65 -41.77 -15.95
CA PHE D 165 22.26 -42.04 -16.32
C PHE D 165 21.84 -40.90 -17.28
N GLU D 166 20.56 -40.75 -17.61
CA GLU D 166 20.22 -39.73 -18.62
C GLU D 166 19.91 -38.35 -18.05
N SER D 167 19.21 -38.31 -16.93
CA SER D 167 18.91 -37.04 -16.29
C SER D 167 20.14 -36.48 -15.55
N PHE D 168 21.05 -37.36 -15.14
CA PHE D 168 22.08 -36.98 -14.16
C PHE D 168 23.26 -37.91 -14.22
N SER D 169 24.29 -37.60 -13.46
CA SER D 169 25.34 -38.56 -13.23
C SER D 169 25.68 -38.60 -11.75
N THR D 170 26.41 -39.65 -11.37
CA THR D 170 26.80 -39.89 -9.99
C THR D 170 28.33 -39.98 -9.90
N LEU D 171 28.88 -39.34 -8.89
CA LEU D 171 30.26 -39.52 -8.56
C LEU D 171 30.36 -40.63 -7.49
N LEU D 172 31.03 -41.73 -7.82
CA LEU D 172 31.11 -42.82 -6.87
C LEU D 172 32.53 -43.25 -6.59
N VAL D 173 32.72 -44.01 -5.52
CA VAL D 173 34.06 -44.49 -5.13
C VAL D 173 34.50 -45.68 -5.99
N ASP D 174 35.75 -45.65 -6.44
CA ASP D 174 36.25 -46.53 -7.50
C ASP D 174 37.49 -47.36 -7.09
N GLY D 175 38.25 -46.87 -6.11
CA GLY D 175 39.31 -47.67 -5.50
C GLY D 175 39.20 -47.63 -3.99
N ARG D 176 40.26 -48.07 -3.31
CA ARG D 176 40.34 -47.98 -1.85
C ARG D 176 40.97 -46.64 -1.44
N LEU D 177 40.48 -46.06 -0.35
CA LEU D 177 41.01 -44.80 0.16
C LEU D 177 41.71 -45.04 1.49
N ASP D 178 42.97 -44.61 1.61
CA ASP D 178 43.59 -44.46 2.92
C ASP D 178 43.95 -42.99 3.15
N ARG D 179 43.30 -42.39 4.14
CA ARG D 179 43.58 -41.00 4.52
C ARG D 179 45.04 -40.71 4.77
N GLU D 180 45.76 -41.70 5.31
CA GLU D 180 47.17 -41.52 5.68
C GLU D 180 48.09 -41.55 4.44
N GLN D 181 47.73 -42.33 3.43
CA GLN D 181 48.38 -42.25 2.11
C GLN D 181 47.97 -40.98 1.37
N ARG D 182 46.70 -40.62 1.47
CA ARG D 182 46.09 -39.65 0.56
C ARG D 182 44.95 -38.87 1.22
N ASP D 183 45.28 -37.65 1.63
CA ASP D 183 44.39 -36.83 2.43
C ASP D 183 43.28 -36.24 1.55
N MET D 184 43.67 -35.70 0.41
CA MET D 184 42.76 -34.95 -0.45
C MET D 184 42.97 -35.26 -1.93
N TYR D 185 41.87 -35.32 -2.67
CA TYR D 185 41.92 -35.46 -4.12
C TYR D 185 41.35 -34.22 -4.80
N ASN D 186 41.96 -33.82 -5.91
CA ASN D 186 41.37 -32.76 -6.72
C ASN D 186 40.87 -33.27 -8.09
N LEU D 187 39.60 -33.03 -8.36
CA LEU D 187 38.93 -33.68 -9.47
C LEU D 187 38.59 -32.65 -10.51
N THR D 188 38.67 -33.06 -11.77
CA THR D 188 38.15 -32.28 -12.86
C THR D 188 37.02 -33.01 -13.58
N ILE D 189 35.93 -32.30 -13.75
CA ILE D 189 34.91 -32.75 -14.66
C ILE D 189 34.95 -31.87 -15.90
N LEU D 190 34.78 -32.54 -17.02
CA LEU D 190 34.90 -31.93 -18.28
C LEU D 190 33.61 -32.22 -19.04
N ALA D 191 32.92 -31.16 -19.47
CA ALA D 191 31.64 -31.27 -20.17
C ALA D 191 31.67 -30.55 -21.50
N GLU D 192 31.01 -31.13 -22.51
CA GLU D 192 30.97 -30.57 -23.85
C GLU D 192 29.54 -30.64 -24.34
N ASP D 193 29.02 -29.59 -24.99
CA ASP D 193 27.71 -29.66 -25.64
C ASP D 193 27.85 -30.12 -27.07
N SER D 194 26.74 -30.29 -27.79
CA SER D 194 26.79 -30.74 -29.19
C SER D 194 26.32 -29.63 -30.14
N GLY D 195 26.63 -28.38 -29.82
CA GLY D 195 26.50 -27.31 -30.81
C GLY D 195 27.41 -27.60 -31.98
N TYR D 196 27.29 -26.79 -33.02
CA TYR D 196 28.17 -26.92 -34.16
C TYR D 196 28.60 -25.55 -34.72
N PRO D 197 29.59 -24.92 -34.07
CA PRO D 197 30.60 -25.55 -33.23
C PRO D 197 30.14 -25.72 -31.77
N PRO D 198 30.89 -26.51 -30.97
CA PRO D 198 30.49 -26.71 -29.59
C PRO D 198 31.24 -25.85 -28.56
N LEU D 199 30.63 -25.72 -27.40
CA LEU D 199 31.26 -25.15 -26.28
C LEU D 199 31.44 -26.22 -25.18
N ARG D 200 32.26 -25.88 -24.19
CA ARG D 200 32.72 -26.82 -23.21
C ARG D 200 33.15 -26.08 -21.97
N SER D 201 33.10 -26.78 -20.86
CA SER D 201 33.61 -26.21 -19.63
C SER D 201 34.18 -27.27 -18.75
N SER D 202 34.93 -26.83 -17.75
CA SER D 202 35.45 -27.75 -16.78
C SER D 202 35.35 -27.18 -15.38
N LYS D 203 35.25 -28.08 -14.40
CA LYS D 203 35.05 -27.69 -13.04
C LYS D 203 35.90 -28.57 -12.15
N SER D 204 36.67 -27.91 -11.29
CA SER D 204 37.49 -28.57 -10.30
C SER D 204 36.94 -28.36 -8.91
N PHE D 205 37.23 -29.34 -8.07
CA PHE D 205 36.73 -29.39 -6.71
C PHE D 205 37.45 -30.55 -6.06
N ALA D 206 37.61 -30.49 -4.75
CA ALA D 206 38.27 -31.56 -4.03
C ALA D 206 37.25 -32.42 -3.32
N VAL D 207 37.57 -33.72 -3.21
CA VAL D 207 37.02 -34.54 -2.14
C VAL D 207 38.06 -34.76 -1.05
N LYS D 208 37.68 -34.39 0.18
CA LYS D 208 38.40 -34.80 1.39
C LYS D 208 38.07 -36.23 1.76
N VAL D 209 39.07 -37.03 2.12
CA VAL D 209 38.81 -38.25 2.89
C VAL D 209 38.94 -38.00 4.41
N THR D 210 38.13 -38.72 5.19
CA THR D 210 37.98 -38.47 6.64
C THR D 210 37.87 -39.77 7.44
N ASP D 211 37.60 -39.64 8.73
CA ASP D 211 37.25 -40.78 9.61
C ASP D 211 35.78 -41.17 9.43
#